data_4DBS
#
_entry.id   4DBS
#
_cell.length_a   47.165
_cell.length_b   48.999
_cell.length_c   83.560
_cell.angle_alpha   74.420
_cell.angle_beta   87.370
_cell.angle_gamma   70.180
#
_symmetry.space_group_name_H-M   'P 1'
#
loop_
_entity.id
_entity.type
_entity.pdbx_description
1 polymer 'Aldo-keto reductase family 1 member C3'
2 non-polymer 'NADP NICOTINAMIDE-ADENINE-DINUCLEOTIDE PHOSPHATE'
3 non-polymer '3-[(4-nitronaphthalen-1-yl)amino]benzoic acid'
4 water water
#
_entity_poly.entity_id   1
_entity_poly.type   'polypeptide(L)'
_entity_poly.pdbx_seq_one_letter_code
;MDSKQQCVKLNDGHFMPVLGFGTYAPPEVPRSKALEVTKLAIEAGFRHIDSAHLYNNEEQVGLAIRSKIADGSVKREDIF
YTSKLWSTFHRPELVRPALENSLKKAQLDYVDLYLIHSPMSLKPGEELSPTDENGKVIFDIVDLCTTWEAMEKCKDAGLA
KSIGVSNFNRRQLEMILNKPGLKYKPVCNQVECHPYFNRSKLLDFCKSKDIVLVAYSALGSQRDKRWVDPNSPVLLEDPV
LCALAKKHKRTPALIALRYQLQRGVVVLAKSYNEQRIRQNVQVFEFQLTAEDMKAIDGLDRNLHYFNSDSFASHPNYPYS
DEY
;
_entity_poly.pdbx_strand_id   A,B
#
loop_
_chem_comp.id
_chem_comp.type
_chem_comp.name
_chem_comp.formula
0HV non-polymer '3-[(4-nitronaphthalen-1-yl)amino]benzoic acid' 'C17 H12 N2 O4'
NAP non-polymer 'NADP NICOTINAMIDE-ADENINE-DINUCLEOTIDE PHOSPHATE' 'C21 H28 N7 O17 P3'
#
# COMPACT_ATOMS: atom_id res chain seq x y z
N GLN A 6 3.48 -25.98 14.11
CA GLN A 6 3.08 -26.86 13.01
C GLN A 6 3.87 -26.55 11.73
N CYS A 7 5.06 -27.11 11.64
CA CYS A 7 5.93 -26.91 10.48
C CYS A 7 6.40 -28.24 9.91
N VAL A 8 6.80 -28.22 8.66
CA VAL A 8 7.44 -29.36 8.04
C VAL A 8 8.89 -28.98 7.72
N LYS A 9 9.80 -29.93 7.90
CA LYS A 9 11.21 -29.66 7.62
C LYS A 9 11.53 -29.90 6.15
N LEU A 10 11.97 -28.86 5.46
CA LEU A 10 12.30 -28.97 4.04
C LEU A 10 13.61 -29.72 3.84
N ASN A 11 13.86 -30.17 2.61
CA ASN A 11 15.04 -30.98 2.32
C ASN A 11 16.36 -30.20 2.36
N ASP A 12 16.28 -28.91 2.65
CA ASP A 12 17.49 -28.10 2.80
C ASP A 12 17.65 -27.67 4.26
N GLY A 13 16.81 -28.21 5.13
CA GLY A 13 16.95 -27.99 6.56
C GLY A 13 16.01 -26.95 7.15
N HIS A 14 15.56 -26.02 6.33
CA HIS A 14 14.67 -24.95 6.80
C HIS A 14 13.27 -25.49 7.08
N PHE A 15 12.42 -24.69 7.72
CA PHE A 15 11.09 -25.13 8.12
C PHE A 15 9.99 -24.28 7.50
N MET A 16 8.94 -24.95 7.02
CA MET A 16 7.81 -24.28 6.42
C MET A 16 6.51 -24.54 7.18
N PRO A 17 5.82 -23.47 7.61
CA PRO A 17 4.53 -23.62 8.27
C PRO A 17 3.56 -24.31 7.32
N VAL A 18 2.85 -25.31 7.81
CA VAL A 18 1.98 -26.14 6.95
C VAL A 18 0.72 -25.41 6.47
N LEU A 19 0.38 -24.29 7.11
CA LEU A 19 -0.72 -23.44 6.69
C LEU A 19 -0.19 -22.08 6.19
N GLY A 20 -0.53 -21.71 4.96
CA GLY A 20 -0.05 -20.48 4.36
C GLY A 20 -1.18 -19.56 3.93
N PHE A 21 -0.91 -18.26 3.95
CA PHE A 21 -1.92 -17.26 3.58
C PHE A 21 -1.75 -16.84 2.13
N GLY A 22 -2.80 -17.00 1.33
CA GLY A 22 -2.74 -16.62 -0.06
C GLY A 22 -3.05 -15.15 -0.24
N THR A 23 -2.24 -14.45 -1.04
CA THR A 23 -2.37 -13.00 -1.14
C THR A 23 -2.88 -12.45 -2.47
N TYR A 24 -2.97 -13.29 -3.49
CA TYR A 24 -3.49 -12.80 -4.75
C TYR A 24 -4.92 -12.31 -4.68
N ALA A 25 -5.14 -11.10 -5.19
CA ALA A 25 -6.48 -10.59 -5.41
C ALA A 25 -6.50 -9.95 -6.79
N PRO A 26 -7.64 -10.06 -7.49
CA PRO A 26 -7.79 -9.50 -8.83
C PRO A 26 -7.53 -7.99 -8.82
N PRO A 27 -7.23 -7.42 -9.99
CA PRO A 27 -6.85 -6.01 -10.12
C PRO A 27 -7.92 -5.06 -9.60
N GLU A 28 -9.17 -5.49 -9.63
CA GLU A 28 -10.26 -4.61 -9.21
C GLU A 28 -10.27 -4.40 -7.71
N VAL A 29 -9.51 -5.21 -6.98
CA VAL A 29 -9.35 -5.01 -5.54
C VAL A 29 -8.24 -4.00 -5.28
N PRO A 30 -8.57 -2.89 -4.61
CA PRO A 30 -7.58 -1.86 -4.27
C PRO A 30 -6.37 -2.47 -3.57
N ARG A 31 -5.18 -2.00 -3.92
CA ARG A 31 -3.94 -2.50 -3.35
C ARG A 31 -3.84 -2.32 -1.83
N SER A 32 -4.59 -1.36 -1.30
CA SER A 32 -4.56 -1.12 0.14
C SER A 32 -5.10 -2.32 0.92
N LYS A 33 -5.99 -3.08 0.30
CA LYS A 33 -6.57 -4.26 0.94
C LYS A 33 -5.51 -5.30 1.29
N ALA A 34 -4.58 -5.55 0.37
CA ALA A 34 -3.53 -6.53 0.62
C ALA A 34 -2.80 -6.17 1.90
N LEU A 35 -2.51 -4.89 2.08
CA LEU A 35 -1.85 -4.43 3.28
C LEU A 35 -2.71 -4.76 4.50
N GLU A 36 -3.99 -4.41 4.43
CA GLU A 36 -4.91 -4.58 5.55
CA GLU A 36 -4.89 -4.57 5.56
C GLU A 36 -5.12 -6.05 5.91
N VAL A 37 -5.36 -6.88 4.91
CA VAL A 37 -5.65 -8.29 5.16
C VAL A 37 -4.42 -9.09 5.55
N THR A 38 -3.24 -8.69 5.08
CA THR A 38 -2.03 -9.39 5.51
C THR A 38 -1.80 -9.13 7.01
N LYS A 39 -2.01 -7.90 7.45
CA LYS A 39 -1.97 -7.63 8.88
C LYS A 39 -2.96 -8.53 9.64
N LEU A 40 -4.18 -8.65 9.12
CA LEU A 40 -5.19 -9.47 9.80
C LEU A 40 -4.76 -10.93 9.87
N ALA A 41 -4.14 -11.41 8.80
CA ALA A 41 -3.73 -12.81 8.74
C ALA A 41 -2.67 -13.07 9.81
N ILE A 42 -1.67 -12.21 9.86
CA ILE A 42 -0.63 -12.32 10.88
C ILE A 42 -1.27 -12.25 12.27
N GLU A 43 -2.21 -11.32 12.45
CA GLU A 43 -2.89 -11.19 13.72
C GLU A 43 -3.64 -12.47 14.09
N ALA A 44 -4.26 -13.09 13.09
CA ALA A 44 -5.01 -14.33 13.29
C ALA A 44 -4.11 -15.55 13.53
N GLY A 45 -2.85 -15.47 13.14
CA GLY A 45 -1.92 -16.54 13.42
C GLY A 45 -1.18 -17.09 12.21
N PHE A 46 -1.47 -16.58 11.02
CA PHE A 46 -0.73 -16.98 9.83
C PHE A 46 0.71 -16.50 9.96
N ARG A 47 1.66 -17.37 9.58
CA ARG A 47 3.08 -17.01 9.59
C ARG A 47 3.71 -17.22 8.22
N HIS A 48 3.14 -18.16 7.47
CA HIS A 48 3.54 -18.46 6.10
C HIS A 48 2.69 -17.56 5.18
N ILE A 49 3.35 -16.71 4.40
CA ILE A 49 2.67 -15.76 3.54
C ILE A 49 3.14 -15.93 2.10
N ASP A 50 2.21 -16.12 1.17
CA ASP A 50 2.53 -16.47 -0.22
C ASP A 50 2.23 -15.32 -1.18
N SER A 51 3.28 -14.81 -1.81
CA SER A 51 3.13 -13.71 -2.74
C SER A 51 3.91 -14.00 -4.00
N ALA A 52 4.07 -12.99 -4.85
CA ALA A 52 4.72 -13.19 -6.14
C ALA A 52 4.86 -11.86 -6.86
N HIS A 53 5.82 -11.76 -7.77
CA HIS A 53 5.96 -10.53 -8.56
C HIS A 53 4.67 -10.31 -9.34
N LEU A 54 4.10 -11.42 -9.82
CA LEU A 54 2.86 -11.38 -10.59
C LEU A 54 1.71 -10.67 -9.89
N TYR A 55 1.68 -10.75 -8.56
CA TYR A 55 0.49 -10.37 -7.81
C TYR A 55 0.38 -8.86 -7.65
N ASN A 56 1.41 -8.12 -8.04
CA ASN A 56 1.42 -6.68 -7.87
C ASN A 56 1.01 -6.28 -6.45
N ASN A 57 1.61 -6.93 -5.45
CA ASN A 57 1.25 -6.64 -4.07
C ASN A 57 2.41 -6.81 -3.10
N GLU A 58 3.58 -7.15 -3.62
CA GLU A 58 4.72 -7.38 -2.75
C GLU A 58 5.02 -6.17 -1.85
N GLU A 59 4.86 -4.96 -2.39
CA GLU A 59 5.07 -3.76 -1.59
C GLU A 59 4.14 -3.74 -0.38
N GLN A 60 2.84 -4.01 -0.62
CA GLN A 60 1.83 -4.03 0.43
C GLN A 60 2.00 -5.18 1.43
N VAL A 61 2.32 -6.37 0.93
CA VAL A 61 2.55 -7.51 1.80
C VAL A 61 3.79 -7.29 2.68
N GLY A 62 4.85 -6.76 2.06
CA GLY A 62 6.07 -6.44 2.80
C GLY A 62 5.84 -5.41 3.88
N LEU A 63 4.98 -4.44 3.60
CA LEU A 63 4.67 -3.39 4.56
C LEU A 63 3.88 -3.94 5.75
N ALA A 64 2.94 -4.84 5.46
CA ALA A 64 2.17 -5.49 6.51
C ALA A 64 3.12 -6.23 7.47
N ILE A 65 4.12 -6.90 6.90
CA ILE A 65 5.09 -7.63 7.69
C ILE A 65 5.93 -6.67 8.52
N ARG A 66 6.42 -5.63 7.87
CA ARG A 66 7.23 -4.64 8.57
CA ARG A 66 7.20 -4.58 8.52
C ARG A 66 6.43 -4.04 9.72
N SER A 67 5.17 -3.73 9.46
CA SER A 67 4.29 -3.18 10.47
C SER A 67 4.15 -4.12 11.68
N LYS A 68 3.98 -5.41 11.42
CA LYS A 68 3.74 -6.35 12.52
C LYS A 68 5.00 -6.69 13.29
N ILE A 69 6.16 -6.48 12.68
CA ILE A 69 7.42 -6.65 13.38
C ILE A 69 7.63 -5.45 14.31
N ALA A 70 7.31 -4.27 13.80
CA ALA A 70 7.54 -3.02 14.54
C ALA A 70 6.70 -2.95 15.81
N ASP A 71 5.44 -3.37 15.74
CA ASP A 71 4.58 -3.32 16.92
C ASP A 71 4.79 -4.51 17.85
N GLY A 72 5.76 -5.36 17.52
CA GLY A 72 6.17 -6.44 18.38
C GLY A 72 5.38 -7.75 18.30
N SER A 73 4.45 -7.82 17.36
CA SER A 73 3.62 -9.02 17.20
C SER A 73 4.41 -10.23 16.75
N VAL A 74 5.38 -10.01 15.85
CA VAL A 74 6.22 -11.08 15.35
C VAL A 74 7.63 -10.56 15.06
N LYS A 75 8.58 -11.47 14.94
CA LYS A 75 9.91 -11.13 14.48
C LYS A 75 10.04 -11.60 13.04
N ARG A 76 11.03 -11.08 12.31
CA ARG A 76 11.21 -11.50 10.92
C ARG A 76 11.37 -13.02 10.80
N GLU A 77 12.09 -13.62 11.74
CA GLU A 77 12.37 -15.04 11.66
C GLU A 77 11.14 -15.90 11.95
N ASP A 78 10.08 -15.26 12.45
CA ASP A 78 8.81 -15.94 12.70
C ASP A 78 7.99 -16.02 11.41
N ILE A 79 8.29 -15.13 10.47
CA ILE A 79 7.53 -15.07 9.22
C ILE A 79 8.19 -15.92 8.14
N PHE A 80 7.38 -16.69 7.40
CA PHE A 80 7.86 -17.42 6.24
C PHE A 80 7.26 -16.78 4.98
N TYR A 81 8.09 -16.03 4.27
CA TYR A 81 7.63 -15.24 3.14
C TYR A 81 8.06 -15.83 1.80
N THR A 82 7.08 -16.05 0.92
CA THR A 82 7.35 -16.63 -0.38
C THR A 82 7.17 -15.62 -1.49
N SER A 83 8.15 -15.53 -2.39
CA SER A 83 7.94 -14.82 -3.63
C SER A 83 8.18 -15.77 -4.79
N LYS A 84 7.92 -15.32 -6.01
CA LYS A 84 8.03 -16.19 -7.16
C LYS A 84 8.59 -15.43 -8.35
N LEU A 85 9.45 -16.11 -9.09
CA LEU A 85 10.05 -15.59 -10.30
C LEU A 85 9.01 -15.63 -11.43
N TRP A 86 8.68 -14.48 -11.98
CA TRP A 86 7.69 -14.46 -13.05
C TRP A 86 8.30 -14.92 -14.39
N SER A 87 7.44 -15.41 -15.28
CA SER A 87 7.83 -16.17 -16.46
C SER A 87 8.58 -15.36 -17.52
N THR A 88 8.51 -14.04 -17.42
CA THR A 88 9.27 -13.18 -18.33
C THR A 88 10.71 -13.02 -17.85
N PHE A 89 11.04 -13.65 -16.73
CA PHE A 89 12.39 -13.52 -16.15
C PHE A 89 13.11 -14.87 -16.06
N HIS A 90 12.77 -15.81 -16.93
CA HIS A 90 13.37 -17.15 -16.88
C HIS A 90 14.81 -17.18 -17.35
N ARG A 91 15.20 -16.24 -18.20
CA ARG A 91 16.55 -16.25 -18.72
C ARG A 91 17.45 -16.02 -17.54
N PRO A 92 18.50 -16.86 -17.41
CA PRO A 92 19.30 -16.97 -16.18
C PRO A 92 19.83 -15.64 -15.70
N GLU A 93 20.12 -14.72 -16.62
CA GLU A 93 20.70 -13.44 -16.22
C GLU A 93 19.66 -12.49 -15.65
N LEU A 94 18.39 -12.86 -15.76
CA LEU A 94 17.31 -12.02 -15.24
C LEU A 94 16.88 -12.43 -13.83
N VAL A 95 17.28 -13.62 -13.40
CA VAL A 95 16.75 -14.20 -12.16
C VAL A 95 17.12 -13.39 -10.91
N ARG A 96 18.41 -13.11 -10.73
CA ARG A 96 18.82 -12.36 -9.53
C ARG A 96 18.24 -10.94 -9.46
N PRO A 97 18.36 -10.18 -10.55
CA PRO A 97 17.75 -8.84 -10.55
C PRO A 97 16.25 -8.89 -10.24
N ALA A 98 15.55 -9.90 -10.76
CA ALA A 98 14.13 -10.06 -10.46
C ALA A 98 13.92 -10.23 -8.96
N LEU A 99 14.70 -11.12 -8.35
CA LEU A 99 14.59 -11.35 -6.92
C LEU A 99 14.92 -10.10 -6.12
N GLU A 100 15.98 -9.40 -6.54
CA GLU A 100 16.39 -8.18 -5.84
C GLU A 100 15.30 -7.13 -5.92
N ASN A 101 14.61 -7.06 -7.05
CA ASN A 101 13.50 -6.13 -7.18
C ASN A 101 12.33 -6.50 -6.26
N SER A 102 12.03 -7.79 -6.16
CA SER A 102 11.00 -8.25 -5.22
C SER A 102 11.37 -7.85 -3.80
N LEU A 103 12.62 -8.08 -3.43
CA LEU A 103 13.15 -7.74 -2.11
C LEU A 103 13.09 -6.25 -1.83
N LYS A 104 13.42 -5.44 -2.83
CA LYS A 104 13.34 -4.00 -2.68
C LYS A 104 11.89 -3.58 -2.48
N LYS A 105 11.01 -4.13 -3.32
CA LYS A 105 9.58 -3.85 -3.21
C LYS A 105 9.06 -4.13 -1.81
N ALA A 106 9.30 -5.34 -1.33
CA ALA A 106 8.76 -5.79 -0.05
C ALA A 106 9.57 -5.23 1.12
N GLN A 107 10.59 -4.44 0.81
CA GLN A 107 11.58 -3.99 1.79
C GLN A 107 11.99 -5.13 2.73
N LEU A 108 12.46 -6.22 2.14
CA LEU A 108 12.96 -7.36 2.90
C LEU A 108 14.39 -7.63 2.52
N ASP A 109 15.12 -8.31 3.40
CA ASP A 109 16.52 -8.64 3.14
C ASP A 109 16.62 -9.95 2.36
N TYR A 110 15.63 -10.83 2.60
CA TYR A 110 15.60 -12.15 1.98
C TYR A 110 14.16 -12.64 1.92
N VAL A 111 13.88 -13.56 1.00
CA VAL A 111 12.61 -14.28 1.02
C VAL A 111 12.90 -15.64 1.61
N ASP A 112 11.93 -16.21 2.33
CA ASP A 112 12.14 -17.54 2.87
C ASP A 112 12.12 -18.58 1.77
N LEU A 113 11.38 -18.29 0.72
CA LEU A 113 11.22 -19.24 -0.38
C LEU A 113 11.04 -18.48 -1.68
N TYR A 114 11.78 -18.88 -2.70
CA TYR A 114 11.64 -18.28 -4.02
C TYR A 114 11.28 -19.39 -4.99
N LEU A 115 10.22 -19.18 -5.76
CA LEU A 115 9.80 -20.22 -6.70
C LEU A 115 9.86 -19.74 -8.14
N ILE A 116 10.14 -20.66 -9.03
CA ILE A 116 9.80 -20.46 -10.43
C ILE A 116 8.28 -20.56 -10.50
N HIS A 117 7.62 -19.46 -10.84
CA HIS A 117 6.16 -19.39 -10.80
C HIS A 117 5.51 -20.40 -11.74
N SER A 118 6.17 -20.65 -12.87
CA SER A 118 5.58 -21.46 -13.93
C SER A 118 6.67 -21.92 -14.89
N PRO A 119 6.51 -23.12 -15.47
CA PRO A 119 7.53 -23.54 -16.45
C PRO A 119 7.27 -22.93 -17.82
N MET A 120 6.16 -22.19 -17.96
CA MET A 120 5.78 -21.63 -19.24
C MET A 120 6.43 -20.27 -19.53
N SER A 121 7.68 -20.31 -19.97
CA SER A 121 8.50 -19.12 -20.19
C SER A 121 7.87 -18.13 -21.17
N LEU A 122 8.05 -16.85 -20.88
CA LEU A 122 7.50 -15.79 -21.71
C LEU A 122 8.61 -14.85 -22.14
N LYS A 123 8.38 -14.13 -23.24
CA LYS A 123 9.36 -13.17 -23.75
C LYS A 123 9.69 -12.13 -22.69
N PRO A 124 11.00 -11.88 -22.46
CA PRO A 124 11.43 -10.84 -21.53
C PRO A 124 10.80 -9.51 -21.93
N GLY A 125 10.37 -8.71 -20.96
CA GLY A 125 9.74 -7.45 -21.28
C GLY A 125 9.15 -6.74 -20.08
N GLU A 126 8.61 -5.55 -20.31
CA GLU A 126 8.04 -4.74 -19.24
C GLU A 126 6.72 -5.34 -18.76
N GLU A 127 5.87 -5.70 -19.72
N GLU A 127 5.87 -5.71 -19.72
CA GLU A 127 4.56 -6.26 -19.43
CA GLU A 127 4.56 -6.25 -19.43
C GLU A 127 4.68 -7.65 -18.81
C GLU A 127 4.65 -7.66 -18.84
N LEU A 128 3.72 -8.00 -17.96
CA LEU A 128 3.66 -9.34 -17.38
C LEU A 128 3.31 -10.34 -18.47
N SER A 129 2.44 -9.91 -19.37
CA SER A 129 1.95 -10.77 -20.43
C SER A 129 2.03 -10.05 -21.76
N PRO A 130 3.25 -9.90 -22.30
CA PRO A 130 3.51 -9.30 -23.61
C PRO A 130 2.74 -9.99 -24.72
N THR A 131 2.10 -9.22 -25.58
CA THR A 131 1.35 -9.77 -26.70
C THR A 131 1.91 -9.27 -28.02
N ASP A 132 1.78 -10.08 -29.06
CA ASP A 132 2.21 -9.73 -30.40
C ASP A 132 1.15 -8.94 -31.14
N GLU A 133 1.42 -8.66 -32.40
CA GLU A 133 0.56 -7.83 -33.23
C GLU A 133 -0.84 -8.42 -33.42
N ASN A 134 -0.97 -9.72 -33.19
CA ASN A 134 -2.26 -10.39 -33.23
C ASN A 134 -2.86 -10.61 -31.85
N GLY A 135 -2.22 -10.02 -30.84
CA GLY A 135 -2.73 -10.08 -29.47
C GLY A 135 -2.52 -11.39 -28.73
N LYS A 136 -1.71 -12.29 -29.30
CA LYS A 136 -1.36 -13.53 -28.61
C LYS A 136 -0.16 -13.30 -27.69
N VAL A 137 -0.21 -13.86 -26.48
CA VAL A 137 0.90 -13.72 -25.54
C VAL A 137 2.14 -14.41 -26.10
N ILE A 138 3.29 -13.74 -26.00
CA ILE A 138 4.51 -14.19 -26.66
C ILE A 138 5.32 -15.13 -25.77
N PHE A 139 5.48 -16.37 -26.23
CA PHE A 139 6.24 -17.37 -25.49
C PHE A 139 7.74 -17.20 -25.72
N ASP A 140 8.53 -17.83 -24.87
CA ASP A 140 9.98 -17.82 -24.99
C ASP A 140 10.43 -19.26 -24.77
N ILE A 141 11.58 -19.61 -25.32
CA ILE A 141 12.15 -20.93 -25.10
C ILE A 141 13.38 -20.81 -24.20
N VAL A 142 13.31 -21.42 -23.03
CA VAL A 142 14.39 -21.37 -22.06
C VAL A 142 14.56 -22.74 -21.43
N ASP A 143 15.82 -23.17 -21.34
CA ASP A 143 16.15 -24.39 -20.64
C ASP A 143 16.01 -24.13 -19.14
N LEU A 144 14.99 -24.72 -18.52
CA LEU A 144 14.66 -24.40 -17.13
C LEU A 144 15.75 -24.83 -16.16
N CYS A 145 16.64 -25.70 -16.61
CA CYS A 145 17.77 -26.10 -15.79
C CYS A 145 18.72 -24.93 -15.58
N THR A 146 18.80 -24.07 -16.59
CA THR A 146 19.65 -22.90 -16.49
C THR A 146 19.00 -21.88 -15.58
N THR A 147 17.67 -21.78 -15.65
CA THR A 147 16.94 -20.93 -14.71
C THR A 147 17.17 -21.45 -13.30
N TRP A 148 17.10 -22.76 -13.14
CA TRP A 148 17.30 -23.36 -11.83
C TRP A 148 18.71 -23.07 -11.30
N GLU A 149 19.71 -23.24 -12.16
CA GLU A 149 21.07 -22.90 -11.75
C GLU A 149 21.14 -21.49 -11.18
N ALA A 150 20.43 -20.57 -11.81
CA ALA A 150 20.42 -19.18 -11.34
C ALA A 150 19.70 -19.08 -10.01
N MET A 151 18.67 -19.91 -9.82
CA MET A 151 17.95 -19.97 -8.57
C MET A 151 18.87 -20.46 -7.45
N GLU A 152 19.67 -21.48 -7.76
CA GLU A 152 20.61 -22.02 -6.78
C GLU A 152 21.57 -20.92 -6.33
N LYS A 153 21.99 -20.08 -7.27
CA LYS A 153 22.89 -18.99 -6.96
C LYS A 153 22.23 -17.96 -6.02
N CYS A 154 20.92 -17.78 -6.16
CA CYS A 154 20.18 -16.87 -5.28
C CYS A 154 20.15 -17.36 -3.85
N LYS A 155 20.11 -18.68 -3.66
CA LYS A 155 20.12 -19.27 -2.33
C LYS A 155 21.52 -19.15 -1.72
N ASP A 156 22.54 -19.34 -2.55
CA ASP A 156 23.92 -19.13 -2.09
C ASP A 156 24.21 -17.67 -1.80
N ALA A 157 23.56 -16.79 -2.55
CA ALA A 157 23.71 -15.36 -2.30
C ALA A 157 22.98 -14.91 -1.04
N GLY A 158 22.29 -15.85 -0.39
CA GLY A 158 21.53 -15.54 0.81
C GLY A 158 20.23 -14.77 0.61
N LEU A 159 19.87 -14.51 -0.64
CA LEU A 159 18.67 -13.73 -0.96
C LEU A 159 17.39 -14.56 -0.85
N ALA A 160 17.53 -15.88 -0.93
CA ALA A 160 16.41 -16.80 -0.76
C ALA A 160 16.87 -17.91 0.16
N LYS A 161 16.16 -18.15 1.26
CA LYS A 161 16.56 -19.20 2.18
C LYS A 161 16.39 -20.57 1.54
N SER A 162 15.30 -20.72 0.79
CA SER A 162 15.00 -21.96 0.07
C SER A 162 14.48 -21.61 -1.31
N ILE A 163 14.59 -22.58 -2.22
CA ILE A 163 14.12 -22.42 -3.58
C ILE A 163 13.27 -23.61 -3.97
N GLY A 164 12.28 -23.37 -4.82
CA GLY A 164 11.37 -24.43 -5.24
C GLY A 164 10.77 -24.08 -6.58
N VAL A 165 9.74 -24.81 -6.98
CA VAL A 165 9.09 -24.57 -8.25
C VAL A 165 7.57 -24.54 -8.08
N SER A 166 6.88 -24.14 -9.13
CA SER A 166 5.43 -24.06 -9.09
C SER A 166 4.89 -24.44 -10.46
N ASN A 167 3.80 -25.19 -10.46
CA ASN A 167 3.11 -25.61 -11.69
C ASN A 167 3.94 -26.54 -12.58
N PHE A 168 4.92 -27.20 -11.98
CA PHE A 168 5.67 -28.26 -12.66
C PHE A 168 4.94 -29.60 -12.56
N ASN A 169 5.01 -30.39 -13.64
CA ASN A 169 4.52 -31.75 -13.60
C ASN A 169 5.68 -32.70 -13.31
N ARG A 170 5.39 -33.98 -13.15
CA ARG A 170 6.44 -34.92 -12.80
C ARG A 170 7.64 -34.86 -13.75
N ARG A 171 7.38 -34.87 -15.05
CA ARG A 171 8.46 -34.84 -16.02
CA ARG A 171 8.42 -34.80 -16.07
C ARG A 171 9.36 -33.63 -15.84
N GLN A 172 8.77 -32.45 -15.65
CA GLN A 172 9.53 -31.22 -15.48
C GLN A 172 10.35 -31.24 -14.19
N LEU A 173 9.75 -31.74 -13.12
CA LEU A 173 10.45 -31.93 -11.86
C LEU A 173 11.68 -32.83 -12.04
N GLU A 174 11.51 -33.93 -12.78
CA GLU A 174 12.59 -34.89 -13.00
C GLU A 174 13.73 -34.27 -13.81
N MET A 175 13.38 -33.43 -14.77
CA MET A 175 14.38 -32.74 -15.57
CA MET A 175 14.36 -32.71 -15.57
C MET A 175 15.32 -31.91 -14.68
N ILE A 176 14.80 -31.42 -13.56
CA ILE A 176 15.63 -30.68 -12.61
C ILE A 176 16.39 -31.65 -11.71
N LEU A 177 15.69 -32.65 -11.19
CA LEU A 177 16.31 -33.60 -10.26
C LEU A 177 17.45 -34.38 -10.90
N ASN A 178 17.37 -34.56 -12.22
CA ASN A 178 18.39 -35.32 -12.94
C ASN A 178 19.45 -34.44 -13.59
N LYS A 179 19.35 -33.13 -13.37
CA LYS A 179 20.30 -32.19 -13.97
C LYS A 179 21.71 -32.51 -13.49
N PRO A 180 22.66 -32.60 -14.43
CA PRO A 180 24.07 -32.81 -14.10
C PRO A 180 24.60 -31.72 -13.18
N GLY A 181 25.16 -32.11 -12.05
CA GLY A 181 25.75 -31.16 -11.13
C GLY A 181 24.73 -30.35 -10.36
N LEU A 182 23.53 -30.91 -10.19
CA LEU A 182 22.50 -30.25 -9.38
C LEU A 182 23.05 -30.00 -7.98
N LYS A 183 22.84 -28.81 -7.46
CA LYS A 183 23.28 -28.51 -6.10
C LYS A 183 22.15 -28.58 -5.07
N TYR A 184 21.00 -27.99 -5.42
CA TYR A 184 19.84 -27.98 -4.53
C TYR A 184 18.59 -28.53 -5.22
N LYS A 185 18.00 -29.58 -4.65
CA LYS A 185 16.68 -30.00 -5.08
C LYS A 185 15.69 -28.91 -4.73
N PRO A 186 14.63 -28.75 -5.53
CA PRO A 186 13.54 -27.86 -5.12
C PRO A 186 12.99 -28.38 -3.79
N VAL A 187 12.73 -27.51 -2.81
CA VAL A 187 12.16 -27.99 -1.55
C VAL A 187 10.69 -28.31 -1.72
N CYS A 188 10.09 -27.77 -2.77
CA CYS A 188 8.65 -27.93 -2.96
C CYS A 188 8.23 -27.76 -4.41
N ASN A 189 6.98 -28.14 -4.67
CA ASN A 189 6.31 -27.89 -5.94
C ASN A 189 4.90 -27.39 -5.60
N GLN A 190 4.67 -26.10 -5.84
CA GLN A 190 3.38 -25.49 -5.56
C GLN A 190 2.46 -25.64 -6.77
N VAL A 191 1.36 -26.38 -6.59
CA VAL A 191 0.47 -26.71 -7.70
C VAL A 191 -1.00 -26.62 -7.30
N GLU A 192 -1.89 -26.62 -8.30
CA GLU A 192 -3.31 -26.60 -7.99
C GLU A 192 -3.70 -27.94 -7.36
N CYS A 193 -4.32 -27.90 -6.20
CA CYS A 193 -4.61 -29.14 -5.49
C CYS A 193 -5.81 -28.97 -4.57
N HIS A 194 -6.83 -29.78 -4.79
CA HIS A 194 -8.07 -29.76 -4.01
C HIS A 194 -8.81 -31.08 -4.24
N PRO A 195 -9.94 -31.30 -3.55
CA PRO A 195 -10.57 -32.61 -3.75
C PRO A 195 -11.04 -32.95 -5.17
N TYR A 196 -11.16 -31.97 -6.06
CA TYR A 196 -11.57 -32.27 -7.44
C TYR A 196 -10.35 -32.49 -8.35
N PHE A 197 -9.16 -32.40 -7.77
CA PHE A 197 -7.90 -32.50 -8.51
C PHE A 197 -6.86 -32.71 -7.43
N ASN A 198 -6.81 -33.92 -6.87
CA ASN A 198 -6.07 -34.14 -5.64
C ASN A 198 -4.58 -34.45 -5.84
N ARG A 199 -4.18 -34.59 -7.10
CA ARG A 199 -2.77 -34.77 -7.46
C ARG A 199 -2.09 -35.93 -6.73
N SER A 200 -2.84 -36.96 -6.35
CA SER A 200 -2.27 -38.05 -5.55
C SER A 200 -1.00 -38.67 -6.14
N LYS A 201 -0.97 -38.88 -7.45
CA LYS A 201 0.21 -39.47 -8.09
C LYS A 201 1.41 -38.55 -8.00
N LEU A 202 1.20 -37.29 -8.33
CA LEU A 202 2.26 -36.30 -8.21
C LEU A 202 2.71 -36.14 -6.76
N LEU A 203 1.75 -36.19 -5.83
CA LEU A 203 2.06 -36.10 -4.41
C LEU A 203 2.96 -37.25 -3.98
N ASP A 204 2.64 -38.46 -4.44
CA ASP A 204 3.46 -39.63 -4.12
C ASP A 204 4.88 -39.44 -4.62
N PHE A 205 5.00 -39.03 -5.87
CA PHE A 205 6.33 -38.78 -6.45
C PHE A 205 7.09 -37.78 -5.59
N CYS A 206 6.48 -36.63 -5.33
CA CYS A 206 7.12 -35.60 -4.53
C CYS A 206 7.62 -36.15 -3.20
N LYS A 207 6.77 -36.92 -2.52
CA LYS A 207 7.16 -37.53 -1.25
C LYS A 207 8.40 -38.42 -1.39
N SER A 208 8.49 -39.17 -2.49
CA SER A 208 9.61 -40.08 -2.70
C SER A 208 10.92 -39.33 -2.95
N LYS A 209 10.82 -38.05 -3.26
CA LYS A 209 11.98 -37.24 -3.54
C LYS A 209 12.23 -36.21 -2.44
N ASP A 210 11.44 -36.30 -1.36
CA ASP A 210 11.54 -35.36 -0.26
C ASP A 210 11.26 -33.94 -0.73
N ILE A 211 10.26 -33.80 -1.59
CA ILE A 211 9.83 -32.49 -2.07
C ILE A 211 8.40 -32.27 -1.57
N VAL A 212 8.16 -31.10 -0.97
CA VAL A 212 6.85 -30.80 -0.42
C VAL A 212 5.87 -30.38 -1.51
N LEU A 213 4.68 -30.95 -1.49
CA LEU A 213 3.64 -30.45 -2.39
C LEU A 213 2.87 -29.36 -1.66
N VAL A 214 2.85 -28.16 -2.24
CA VAL A 214 2.10 -27.04 -1.68
C VAL A 214 0.84 -26.81 -2.51
N ALA A 215 -0.32 -26.88 -1.86
CA ALA A 215 -1.61 -26.81 -2.54
C ALA A 215 -2.15 -25.39 -2.68
N TYR A 216 -2.46 -25.01 -3.91
CA TYR A 216 -3.23 -23.77 -4.10
C TYR A 216 -4.60 -24.05 -4.72
N SER A 217 -5.47 -23.06 -4.66
CA SER A 217 -6.88 -23.24 -5.01
C SER A 217 -7.45 -24.40 -4.20
N ALA A 218 -6.92 -24.56 -2.99
CA ALA A 218 -7.38 -25.59 -2.06
C ALA A 218 -8.86 -25.42 -1.68
N LEU A 219 -9.38 -24.21 -1.83
CA LEU A 219 -10.77 -23.92 -1.53
C LEU A 219 -11.60 -23.75 -2.80
N GLY A 220 -11.03 -24.16 -3.94
CA GLY A 220 -11.78 -24.19 -5.18
C GLY A 220 -11.51 -23.00 -6.09
N SER A 221 -10.51 -22.19 -5.73
CA SER A 221 -10.10 -21.03 -6.52
C SER A 221 -11.02 -19.85 -6.34
N GLN A 222 -10.60 -18.71 -6.87
CA GLN A 222 -11.39 -17.48 -6.79
C GLN A 222 -12.35 -17.41 -7.97
N ARG A 223 -12.30 -18.41 -8.83
CA ARG A 223 -13.19 -18.51 -10.00
C ARG A 223 -13.18 -17.24 -10.86
N ASP A 224 -11.99 -16.69 -11.06
CA ASP A 224 -11.80 -15.52 -11.94
C ASP A 224 -12.21 -15.86 -13.37
N LYS A 225 -13.05 -15.02 -13.97
CA LYS A 225 -13.60 -15.29 -15.31
C LYS A 225 -12.52 -15.38 -16.38
N ARG A 226 -11.37 -14.78 -16.12
CA ARG A 226 -10.28 -14.81 -17.08
C ARG A 226 -9.80 -16.23 -17.35
N TRP A 227 -9.95 -17.12 -16.37
CA TRP A 227 -9.39 -18.46 -16.49
C TRP A 227 -10.31 -19.59 -16.07
N VAL A 228 -11.34 -19.28 -15.31
CA VAL A 228 -12.19 -20.31 -14.77
C VAL A 228 -13.57 -20.31 -15.43
N ASP A 229 -13.92 -21.47 -15.99
CA ASP A 229 -15.26 -21.70 -16.51
C ASP A 229 -16.28 -21.51 -15.39
N PRO A 230 -17.18 -20.52 -15.55
CA PRO A 230 -18.18 -20.22 -14.53
C PRO A 230 -19.12 -21.40 -14.30
N ASN A 231 -19.12 -22.34 -15.25
CA ASN A 231 -19.96 -23.52 -15.14
C ASN A 231 -19.24 -24.70 -14.48
N SER A 232 -17.98 -24.50 -14.10
CA SER A 232 -17.29 -25.53 -13.36
C SER A 232 -17.99 -25.70 -12.02
N PRO A 233 -17.93 -26.91 -11.44
CA PRO A 233 -18.62 -27.12 -10.17
C PRO A 233 -17.97 -26.31 -9.04
N VAL A 234 -18.78 -25.76 -8.13
CA VAL A 234 -18.26 -25.02 -6.99
C VAL A 234 -17.78 -25.99 -5.92
N LEU A 235 -16.47 -25.99 -5.66
CA LEU A 235 -15.89 -26.96 -4.74
C LEU A 235 -16.56 -26.99 -3.37
N LEU A 236 -16.77 -25.81 -2.79
CA LEU A 236 -17.28 -25.72 -1.43
C LEU A 236 -18.78 -25.99 -1.36
N GLU A 237 -19.38 -26.33 -2.50
CA GLU A 237 -20.78 -26.72 -2.55
C GLU A 237 -20.89 -28.23 -2.74
N ASP A 238 -19.76 -28.91 -2.71
CA ASP A 238 -19.76 -30.36 -2.89
C ASP A 238 -20.53 -31.05 -1.76
N PRO A 239 -21.50 -31.90 -2.11
CA PRO A 239 -22.35 -32.56 -1.11
C PRO A 239 -21.55 -33.36 -0.09
N VAL A 240 -20.51 -34.06 -0.55
CA VAL A 240 -19.69 -34.86 0.36
C VAL A 240 -18.95 -33.97 1.34
N LEU A 241 -18.35 -32.90 0.84
CA LEU A 241 -17.68 -31.94 1.71
C LEU A 241 -18.65 -31.28 2.68
N CYS A 242 -19.83 -30.92 2.19
CA CYS A 242 -20.84 -30.31 3.05
C CYS A 242 -21.35 -31.28 4.11
N ALA A 243 -21.51 -32.54 3.73
CA ALA A 243 -21.96 -33.54 4.69
C ALA A 243 -20.91 -33.76 5.78
N LEU A 244 -19.64 -33.71 5.39
CA LEU A 244 -18.54 -33.85 6.35
C LEU A 244 -18.43 -32.63 7.26
N ALA A 245 -18.76 -31.46 6.71
CA ALA A 245 -18.76 -30.22 7.49
C ALA A 245 -19.82 -30.29 8.61
N LYS A 246 -21.00 -30.79 8.27
CA LYS A 246 -22.06 -30.96 9.27
C LYS A 246 -21.64 -31.96 10.35
N LYS A 247 -21.07 -33.08 9.93
CA LYS A 247 -20.63 -34.11 10.87
C LYS A 247 -19.64 -33.57 11.90
N HIS A 248 -18.64 -32.84 11.43
CA HIS A 248 -17.61 -32.33 12.33
C HIS A 248 -17.98 -30.97 12.92
N LYS A 249 -19.09 -30.42 12.46
CA LYS A 249 -19.52 -29.09 12.87
C LYS A 249 -18.42 -28.08 12.59
N ARG A 250 -17.92 -28.11 11.37
CA ARG A 250 -16.96 -27.12 10.89
C ARG A 250 -17.53 -26.60 9.57
N THR A 251 -16.70 -26.08 8.69
CA THR A 251 -17.18 -25.56 7.42
C THR A 251 -16.60 -26.37 6.27
N PRO A 252 -17.21 -26.29 5.09
CA PRO A 252 -16.65 -27.01 3.96
C PRO A 252 -15.22 -26.56 3.70
N ALA A 253 -14.94 -25.28 3.90
CA ALA A 253 -13.59 -24.76 3.70
C ALA A 253 -12.61 -25.47 4.64
N LEU A 254 -12.98 -25.59 5.91
CA LEU A 254 -12.11 -26.23 6.89
C LEU A 254 -11.92 -27.72 6.60
N ILE A 255 -12.94 -28.33 6.02
CA ILE A 255 -12.84 -29.74 5.62
C ILE A 255 -11.80 -29.85 4.52
N ALA A 256 -11.83 -28.90 3.59
CA ALA A 256 -10.93 -28.88 2.44
C ALA A 256 -9.47 -28.68 2.86
N LEU A 257 -9.25 -27.75 3.78
CA LEU A 257 -7.90 -27.46 4.28
C LEU A 257 -7.35 -28.61 5.12
N ARG A 258 -8.20 -29.19 5.97
CA ARG A 258 -7.76 -30.27 6.86
C ARG A 258 -7.39 -31.50 6.02
N TYR A 259 -8.16 -31.75 4.98
CA TYR A 259 -7.87 -32.84 4.04
C TYR A 259 -6.40 -32.77 3.65
N GLN A 260 -5.96 -31.60 3.21
CA GLN A 260 -4.59 -31.47 2.72
C GLN A 260 -3.60 -31.73 3.85
N LEU A 261 -3.86 -31.15 5.02
CA LEU A 261 -2.93 -31.30 6.14
C LEU A 261 -2.67 -32.77 6.47
N GLN A 262 -3.72 -33.57 6.48
CA GLN A 262 -3.60 -34.98 6.83
C GLN A 262 -3.07 -35.85 5.68
N ARG A 263 -2.96 -35.29 4.48
CA ARG A 263 -2.29 -36.01 3.38
C ARG A 263 -0.82 -35.66 3.31
N GLY A 264 -0.33 -34.86 4.26
CA GLY A 264 1.05 -34.44 4.25
C GLY A 264 1.32 -33.40 3.16
N VAL A 265 0.30 -32.61 2.88
CA VAL A 265 0.40 -31.51 1.91
C VAL A 265 0.38 -30.18 2.65
N VAL A 266 1.20 -29.22 2.21
CA VAL A 266 1.16 -27.88 2.79
C VAL A 266 0.11 -27.08 2.04
N VAL A 267 -0.81 -26.45 2.77
CA VAL A 267 -1.99 -25.87 2.14
C VAL A 267 -2.07 -24.35 2.26
N LEU A 268 -2.32 -23.68 1.14
CA LEU A 268 -2.55 -22.24 1.13
C LEU A 268 -4.04 -21.96 1.24
N ALA A 269 -4.38 -20.77 1.73
CA ALA A 269 -5.76 -20.31 1.79
C ALA A 269 -5.79 -18.80 1.63
N LYS A 270 -6.41 -18.32 0.55
CA LYS A 270 -6.59 -16.90 0.36
C LYS A 270 -7.95 -16.46 0.88
N SER A 271 -7.94 -15.44 1.73
CA SER A 271 -9.16 -14.75 2.12
C SER A 271 -8.85 -13.30 2.44
N TYR A 272 -9.68 -12.41 1.90
CA TYR A 272 -9.58 -10.98 2.17
C TYR A 272 -10.69 -10.58 3.11
N ASN A 273 -11.23 -11.56 3.82
CA ASN A 273 -12.30 -11.34 4.80
C ASN A 273 -11.83 -11.70 6.20
N GLU A 274 -11.93 -10.77 7.13
CA GLU A 274 -11.35 -10.99 8.45
C GLU A 274 -11.87 -12.26 9.12
N GLN A 275 -13.18 -12.47 9.05
CA GLN A 275 -13.76 -13.60 9.75
C GLN A 275 -13.43 -14.94 9.10
N ARG A 276 -13.31 -14.95 7.78
CA ARG A 276 -12.91 -16.19 7.11
C ARG A 276 -11.43 -16.45 7.36
N ILE A 277 -10.63 -15.39 7.35
CA ILE A 277 -9.22 -15.50 7.68
C ILE A 277 -9.06 -16.15 9.06
N ARG A 278 -9.83 -15.68 10.03
CA ARG A 278 -9.74 -16.19 11.39
C ARG A 278 -10.33 -17.59 11.50
N GLN A 279 -11.30 -17.90 10.65
CA GLN A 279 -11.87 -19.23 10.60
C GLN A 279 -10.83 -20.23 10.10
N ASN A 280 -10.07 -19.83 9.10
CA ASN A 280 -9.15 -20.74 8.44
C ASN A 280 -8.07 -21.29 9.36
N VAL A 281 -7.66 -20.50 10.36
CA VAL A 281 -6.65 -20.98 11.29
C VAL A 281 -7.20 -22.09 12.19
N GLN A 282 -8.51 -22.26 12.21
CA GLN A 282 -9.13 -23.30 13.05
C GLN A 282 -8.87 -24.71 12.51
N VAL A 283 -8.23 -24.78 11.35
CA VAL A 283 -7.90 -26.06 10.73
C VAL A 283 -7.13 -26.97 11.67
N PHE A 284 -6.38 -26.37 12.60
CA PHE A 284 -5.59 -27.19 13.53
C PHE A 284 -6.41 -27.70 14.72
N GLU A 285 -7.72 -27.41 14.73
CA GLU A 285 -8.55 -27.71 15.90
C GLU A 285 -9.27 -29.05 15.87
N PHE A 286 -9.29 -29.73 14.73
CA PHE A 286 -10.01 -30.99 14.58
C PHE A 286 -9.32 -31.96 13.63
N GLN A 287 -9.71 -33.22 13.70
CA GLN A 287 -9.19 -34.25 12.79
C GLN A 287 -10.29 -34.88 11.94
N LEU A 288 -9.95 -35.22 10.70
CA LEU A 288 -10.82 -36.05 9.88
C LEU A 288 -10.46 -37.51 10.16
N THR A 289 -11.43 -38.40 10.10
CA THR A 289 -11.15 -39.83 10.26
C THR A 289 -10.49 -40.37 8.99
N ALA A 290 -9.79 -41.49 9.13
CA ALA A 290 -9.19 -42.15 7.98
C ALA A 290 -10.28 -42.44 6.95
N GLU A 291 -11.47 -42.77 7.46
N GLU A 291 -11.47 -42.77 7.42
CA GLU A 291 -12.63 -43.04 6.61
CA GLU A 291 -12.57 -43.04 6.50
C GLU A 291 -13.03 -41.78 5.86
C GLU A 291 -13.07 -41.76 5.83
N ASP A 292 -13.02 -40.65 6.55
CA ASP A 292 -13.34 -39.36 5.97
C ASP A 292 -12.37 -39.06 4.83
N MET A 293 -11.10 -39.37 5.07
CA MET A 293 -10.04 -39.09 4.11
C MET A 293 -10.24 -39.86 2.80
N LYS A 294 -10.54 -41.14 2.92
CA LYS A 294 -10.82 -41.96 1.75
C LYS A 294 -12.05 -41.44 0.99
N ALA A 295 -13.05 -41.01 1.73
CA ALA A 295 -14.25 -40.45 1.12
C ALA A 295 -13.90 -39.25 0.23
N ILE A 296 -13.03 -38.37 0.75
CA ILE A 296 -12.65 -37.18 0.00
C ILE A 296 -11.76 -37.54 -1.19
N ASP A 297 -10.93 -38.57 -1.03
CA ASP A 297 -10.09 -39.05 -2.12
C ASP A 297 -10.95 -39.41 -3.33
N GLY A 298 -12.14 -39.94 -3.05
CA GLY A 298 -13.08 -40.35 -4.09
C GLY A 298 -13.69 -39.23 -4.90
N LEU A 299 -13.47 -37.98 -4.48
CA LEU A 299 -14.05 -36.84 -5.18
C LEU A 299 -13.28 -36.44 -6.44
N ASP A 300 -12.07 -36.93 -6.60
CA ASP A 300 -11.21 -36.45 -7.68
C ASP A 300 -11.90 -36.53 -9.04
N ARG A 301 -11.82 -35.43 -9.78
CA ARG A 301 -12.45 -35.33 -11.09
C ARG A 301 -11.44 -34.89 -12.14
N ASN A 302 -10.15 -34.93 -11.78
CA ASN A 302 -9.08 -34.42 -12.64
C ASN A 302 -9.43 -33.04 -13.19
N LEU A 303 -9.94 -32.17 -12.32
CA LEU A 303 -10.47 -30.88 -12.72
C LEU A 303 -9.55 -29.75 -12.29
N HIS A 304 -8.81 -29.16 -13.23
CA HIS A 304 -8.09 -27.93 -12.88
C HIS A 304 -8.95 -26.72 -13.23
N TYR A 305 -9.21 -25.89 -12.23
CA TYR A 305 -10.07 -24.73 -12.42
C TYR A 305 -9.47 -23.76 -13.43
N PHE A 306 -8.15 -23.60 -13.40
CA PHE A 306 -7.48 -22.70 -14.33
C PHE A 306 -7.39 -23.28 -15.74
N ASN A 307 -7.93 -22.55 -16.72
CA ASN A 307 -7.81 -22.96 -18.11
C ASN A 307 -7.32 -21.84 -19.01
N SER A 308 -6.61 -22.21 -20.07
CA SER A 308 -6.14 -21.24 -21.04
C SER A 308 -5.93 -21.92 -22.38
N ASP A 309 -6.80 -21.62 -23.33
CA ASP A 309 -6.69 -22.21 -24.67
C ASP A 309 -5.33 -21.91 -25.27
N SER A 310 -4.86 -20.69 -25.07
CA SER A 310 -3.59 -20.24 -25.64
C SER A 310 -2.42 -21.04 -25.06
N PHE A 311 -2.31 -21.03 -23.74
CA PHE A 311 -1.16 -21.65 -23.07
C PHE A 311 -1.22 -23.17 -23.11
N ALA A 312 -2.38 -23.70 -23.49
CA ALA A 312 -2.51 -25.14 -23.63
C ALA A 312 -1.53 -25.62 -24.70
N SER A 313 -1.12 -24.70 -25.57
CA SER A 313 -0.22 -25.01 -26.67
C SER A 313 1.25 -24.69 -26.34
N HIS A 314 1.49 -24.17 -25.14
CA HIS A 314 2.86 -23.88 -24.73
C HIS A 314 3.61 -25.20 -24.60
N PRO A 315 4.82 -25.28 -25.17
CA PRO A 315 5.61 -26.52 -25.06
C PRO A 315 5.77 -26.99 -23.63
N ASN A 316 5.72 -26.06 -22.66
CA ASN A 316 5.88 -26.43 -21.26
C ASN A 316 4.58 -26.47 -20.45
N TYR A 317 3.45 -26.39 -21.14
CA TYR A 317 2.14 -26.52 -20.48
C TYR A 317 2.18 -27.76 -19.58
N PRO A 318 1.86 -27.58 -18.29
CA PRO A 318 2.02 -28.67 -17.31
C PRO A 318 1.00 -29.79 -17.43
N TYR A 319 -0.17 -29.52 -17.99
CA TYR A 319 -1.24 -30.51 -17.96
C TYR A 319 -1.30 -31.31 -19.25
N SER A 320 -0.13 -31.54 -19.84
CA SER A 320 0.01 -32.37 -21.03
C SER A 320 -0.56 -31.72 -22.29
N GLN B 6 -4.10 10.63 18.49
CA GLN B 6 -3.06 11.58 18.86
C GLN B 6 -2.09 11.84 17.71
N CYS B 7 -1.16 10.91 17.48
CA CYS B 7 -0.19 11.03 16.39
C CYS B 7 -0.22 9.80 15.48
N VAL B 8 0.26 9.97 14.25
CA VAL B 8 0.50 8.82 13.37
C VAL B 8 2.00 8.71 13.08
N LYS B 9 2.47 7.47 12.94
CA LYS B 9 3.87 7.18 12.64
C LYS B 9 4.13 7.29 11.13
N LEU B 10 5.04 8.18 10.76
CA LEU B 10 5.35 8.41 9.35
C LEU B 10 6.29 7.32 8.82
N ASN B 11 6.43 7.22 7.51
CA ASN B 11 7.22 6.14 6.94
C ASN B 11 8.73 6.29 7.17
N ASP B 12 9.13 7.45 7.72
CA ASP B 12 10.53 7.66 8.06
C ASP B 12 10.76 7.54 9.58
N GLY B 13 9.74 7.11 10.30
CA GLY B 13 9.87 6.88 11.73
C GLY B 13 9.47 8.03 12.64
N HIS B 14 9.31 9.23 12.09
CA HIS B 14 8.86 10.37 12.89
C HIS B 14 7.35 10.32 13.12
N PHE B 15 6.87 11.13 14.07
CA PHE B 15 5.45 11.14 14.40
C PHE B 15 4.78 12.48 14.09
N MET B 16 3.58 12.40 13.51
CA MET B 16 2.83 13.59 13.13
C MET B 16 1.51 13.66 13.88
N PRO B 17 1.25 14.78 14.58
CA PRO B 17 -0.06 14.94 15.22
C PRO B 17 -1.19 14.95 14.18
N VAL B 18 -2.29 14.25 14.47
CA VAL B 18 -3.36 14.07 13.48
C VAL B 18 -4.27 15.29 13.26
N LEU B 19 -4.21 16.25 14.18
CA LEU B 19 -4.90 17.52 13.98
C LEU B 19 -3.88 18.64 13.80
N GLY B 20 -4.01 19.40 12.72
CA GLY B 20 -3.10 20.53 12.49
C GLY B 20 -3.80 21.88 12.40
N PHE B 21 -3.08 22.94 12.77
CA PHE B 21 -3.60 24.30 12.67
C PHE B 21 -3.20 24.97 11.35
N GLY B 22 -4.20 25.44 10.59
CA GLY B 22 -3.95 26.08 9.31
C GLY B 22 -3.70 27.55 9.50
N THR B 23 -2.59 28.06 8.94
CA THR B 23 -2.19 29.45 9.21
C THR B 23 -2.40 30.44 8.07
N TYR B 24 -2.79 29.98 6.88
CA TYR B 24 -2.99 30.92 5.80
C TYR B 24 -4.17 31.87 6.05
N ALA B 25 -3.90 33.16 5.90
CA ALA B 25 -4.94 34.18 5.84
C ALA B 25 -4.66 35.07 4.65
N PRO B 26 -5.72 35.58 4.01
CA PRO B 26 -5.52 36.44 2.84
C PRO B 26 -4.76 37.71 3.22
N PRO B 27 -4.18 38.41 2.24
CA PRO B 27 -3.33 39.56 2.54
C PRO B 27 -4.04 40.66 3.35
N GLU B 28 -5.34 40.84 3.16
CA GLU B 28 -6.05 41.91 3.84
C GLU B 28 -6.15 41.69 5.35
N VAL B 29 -5.69 40.54 5.81
CA VAL B 29 -5.57 40.28 7.24
C VAL B 29 -4.19 40.72 7.72
N PRO B 30 -4.14 41.59 8.73
CA PRO B 30 -2.82 42.11 9.16
C PRO B 30 -1.90 40.97 9.60
N ARG B 31 -0.62 41.06 9.22
CA ARG B 31 0.35 40.03 9.56
C ARG B 31 0.38 39.72 11.06
N SER B 32 0.10 40.71 11.89
CA SER B 32 0.14 40.53 13.32
C SER B 32 -0.85 39.44 13.80
N LYS B 33 -1.92 39.24 13.05
CA LYS B 33 -2.92 38.24 13.43
C LYS B 33 -2.37 36.83 13.51
N ALA B 34 -1.54 36.47 12.54
CA ALA B 34 -0.94 35.12 12.50
C ALA B 34 -0.25 34.80 13.82
N LEU B 35 0.45 35.79 14.37
CA LEU B 35 1.15 35.62 15.63
C LEU B 35 0.15 35.39 16.77
N GLU B 36 -0.86 36.24 16.86
CA GLU B 36 -1.78 36.12 17.98
C GLU B 36 -2.62 34.83 17.91
N VAL B 37 -3.08 34.45 16.72
CA VAL B 37 -3.92 33.26 16.63
C VAL B 37 -3.12 31.97 16.77
N THR B 38 -1.87 31.96 16.29
CA THR B 38 -1.05 30.76 16.44
C THR B 38 -0.74 30.51 17.92
N LYS B 39 -0.50 31.57 18.67
CA LYS B 39 -0.40 31.44 20.12
C LYS B 39 -1.69 30.83 20.69
N LEU B 40 -2.85 31.36 20.31
CA LEU B 40 -4.12 30.84 20.82
C LEU B 40 -4.32 29.37 20.46
N ALA B 41 -3.88 29.00 19.26
CA ALA B 41 -4.02 27.64 18.79
C ALA B 41 -3.23 26.70 19.68
N ILE B 42 -1.98 27.06 19.94
CA ILE B 42 -1.11 26.26 20.80
C ILE B 42 -1.68 26.15 22.21
N GLU B 43 -2.16 27.26 22.76
N GLU B 43 -2.20 27.26 22.71
CA GLU B 43 -2.73 27.19 24.08
CA GLU B 43 -2.79 27.32 24.04
C GLU B 43 -3.91 26.22 24.09
C GLU B 43 -4.02 26.44 24.15
N ALA B 44 -4.71 26.26 23.03
CA ALA B 44 -5.89 25.40 22.97
C ALA B 44 -5.48 23.92 22.90
N GLY B 45 -4.29 23.65 22.38
CA GLY B 45 -3.82 22.29 22.31
C GLY B 45 -3.33 21.82 20.94
N PHE B 46 -3.42 22.68 19.93
CA PHE B 46 -2.79 22.37 18.65
C PHE B 46 -1.28 22.20 18.84
N ARG B 47 -0.71 21.16 18.25
CA ARG B 47 0.75 20.96 18.31
C ARG B 47 1.38 20.89 16.92
N HIS B 48 0.53 20.63 15.94
CA HIS B 48 0.92 20.52 14.54
C HIS B 48 0.48 21.85 13.93
N ILE B 49 1.43 22.54 13.29
CA ILE B 49 1.18 23.87 12.75
C ILE B 49 1.64 23.93 11.30
N ASP B 50 0.74 24.34 10.41
CA ASP B 50 1.01 24.27 8.98
C ASP B 50 1.22 25.67 8.39
N SER B 51 2.43 25.92 7.91
CA SER B 51 2.72 27.20 7.27
C SER B 51 3.37 26.96 5.92
N ALA B 52 3.95 28.01 5.35
CA ALA B 52 4.53 27.94 4.01
C ALA B 52 5.14 29.27 3.61
N HIS B 53 6.14 29.21 2.73
CA HIS B 53 6.72 30.42 2.18
C HIS B 53 5.61 31.26 1.55
N LEU B 54 4.69 30.61 0.84
CA LEU B 54 3.58 31.29 0.20
C LEU B 54 2.77 32.17 1.17
N TYR B 55 2.69 31.74 2.42
CA TYR B 55 1.74 32.37 3.36
C TYR B 55 2.22 33.72 3.87
N ASN B 56 3.48 34.06 3.59
CA ASN B 56 4.04 35.31 4.09
C ASN B 56 3.71 35.51 5.57
N ASN B 57 3.92 34.48 6.36
CA ASN B 57 3.66 34.58 7.80
C ASN B 57 4.64 33.78 8.65
N GLU B 58 5.71 33.30 8.05
CA GLU B 58 6.61 32.41 8.78
C GLU B 58 7.27 33.11 9.96
N GLU B 59 7.57 34.39 9.81
CA GLU B 59 8.12 35.17 10.91
CA GLU B 59 8.11 35.18 10.91
C GLU B 59 7.14 35.16 12.09
N GLN B 60 5.89 35.50 11.84
CA GLN B 60 4.87 35.54 12.90
C GLN B 60 4.57 34.18 13.51
N VAL B 61 4.42 33.15 12.67
CA VAL B 61 4.14 31.81 13.17
C VAL B 61 5.35 31.35 13.98
N GLY B 62 6.55 31.64 13.49
CA GLY B 62 7.77 31.38 14.23
C GLY B 62 7.75 32.06 15.59
N LEU B 63 7.36 33.33 15.62
CA LEU B 63 7.29 34.08 16.89
C LEU B 63 6.38 33.36 17.87
N ALA B 64 5.25 32.87 17.36
CA ALA B 64 4.24 32.21 18.18
C ALA B 64 4.78 30.96 18.87
N ILE B 65 5.49 30.13 18.12
CA ILE B 65 6.16 28.97 18.67
C ILE B 65 7.23 29.37 19.71
N ARG B 66 8.04 30.36 19.37
CA ARG B 66 9.08 30.82 20.30
C ARG B 66 8.44 31.34 21.58
N SER B 67 7.31 32.04 21.43
CA SER B 67 6.59 32.60 22.57
C SER B 67 6.17 31.50 23.52
N LYS B 68 5.55 30.46 22.97
CA LYS B 68 4.98 29.40 23.79
C LYS B 68 6.08 28.52 24.38
N ILE B 69 7.25 28.55 23.76
CA ILE B 69 8.41 27.87 24.33
C ILE B 69 8.99 28.72 25.46
N ALA B 70 9.16 30.02 25.20
CA ALA B 70 9.72 30.92 26.21
C ALA B 70 8.90 30.95 27.49
N ASP B 71 7.58 31.01 27.37
CA ASP B 71 6.72 31.08 28.54
C ASP B 71 6.56 29.73 29.24
N GLY B 72 7.23 28.70 28.73
CA GLY B 72 7.27 27.41 29.38
C GLY B 72 6.11 26.46 29.08
N SER B 73 5.22 26.86 28.18
CA SER B 73 4.07 26.04 27.82
C SER B 73 4.47 24.73 27.13
N VAL B 74 5.40 24.81 26.19
CA VAL B 74 5.83 23.65 25.42
C VAL B 74 7.33 23.66 25.19
N LYS B 75 7.87 22.54 24.72
CA LYS B 75 9.25 22.46 24.26
C LYS B 75 9.23 22.37 22.74
N ARG B 76 10.36 22.68 22.11
CA ARG B 76 10.42 22.61 20.65
C ARG B 76 10.05 21.22 20.15
N GLU B 77 10.32 20.20 20.96
CA GLU B 77 10.05 18.82 20.57
C GLU B 77 8.56 18.50 20.60
N ASP B 78 7.78 19.35 21.26
CA ASP B 78 6.33 19.14 21.38
C ASP B 78 5.59 19.73 20.19
N ILE B 79 6.31 20.47 19.35
CA ILE B 79 5.68 21.15 18.23
C ILE B 79 6.05 20.46 16.93
N PHE B 80 5.05 20.21 16.09
CA PHE B 80 5.29 19.73 14.74
C PHE B 80 5.06 20.89 13.79
N TYR B 81 6.14 21.46 13.27
CA TYR B 81 6.04 22.59 12.36
C TYR B 81 6.29 22.21 10.90
N THR B 82 5.37 22.62 10.04
CA THR B 82 5.51 22.37 8.62
C THR B 82 5.72 23.67 7.84
N SER B 83 6.67 23.66 6.93
CA SER B 83 6.71 24.69 5.89
C SER B 83 6.74 24.04 4.52
N LYS B 84 6.72 24.84 3.47
CA LYS B 84 6.62 24.32 2.11
C LYS B 84 7.50 25.09 1.14
N LEU B 85 8.13 24.36 0.23
CA LEU B 85 8.92 24.94 -0.84
C LEU B 85 7.98 25.55 -1.87
N TRP B 86 8.08 26.85 -2.11
CA TRP B 86 7.20 27.45 -3.12
C TRP B 86 7.64 27.09 -4.55
N SER B 87 6.72 27.22 -5.50
CA SER B 87 6.90 26.67 -6.85
C SER B 87 7.93 27.41 -7.69
N THR B 88 8.40 28.55 -7.20
CA THR B 88 9.44 29.30 -7.90
C THR B 88 10.82 28.84 -7.40
N PHE B 89 10.81 27.86 -6.50
CA PHE B 89 12.06 27.36 -5.93
C PHE B 89 12.27 25.88 -6.20
N HIS B 90 11.60 25.37 -7.22
CA HIS B 90 11.68 23.95 -7.59
C HIS B 90 13.05 23.51 -8.10
N ARG B 91 13.78 24.39 -8.77
CA ARG B 91 15.08 23.98 -9.30
C ARG B 91 15.99 23.60 -8.14
N PRO B 92 16.68 22.46 -8.26
CA PRO B 92 17.40 21.86 -7.13
C PRO B 92 18.30 22.84 -6.38
N GLU B 93 19.05 23.66 -7.11
CA GLU B 93 20.02 24.54 -6.46
C GLU B 93 19.35 25.59 -5.57
N LEU B 94 18.05 25.82 -5.79
CA LEU B 94 17.30 26.83 -5.02
C LEU B 94 16.59 26.24 -3.81
N VAL B 95 16.57 24.92 -3.73
CA VAL B 95 15.79 24.23 -2.70
C VAL B 95 16.35 24.40 -1.30
N ARG B 96 17.65 24.16 -1.13
CA ARG B 96 18.22 24.29 0.21
C ARG B 96 18.18 25.73 0.73
N PRO B 97 18.63 26.70 -0.07
CA PRO B 97 18.54 28.08 0.37
C PRO B 97 17.12 28.50 0.75
N ALA B 98 16.12 27.99 0.05
CA ALA B 98 14.73 28.33 0.35
C ALA B 98 14.34 27.82 1.73
N LEU B 99 14.75 26.60 2.07
CA LEU B 99 14.49 26.07 3.40
C LEU B 99 15.23 26.89 4.43
N GLU B 100 16.49 27.19 4.13
CA GLU B 100 17.31 27.97 5.06
C GLU B 100 16.70 29.35 5.34
N ASN B 101 16.11 29.97 4.33
CA ASN B 101 15.41 31.24 4.56
C ASN B 101 14.14 31.07 5.39
N SER B 102 13.35 30.05 5.07
CA SER B 102 12.16 29.75 5.86
C SER B 102 12.52 29.58 7.32
N LEU B 103 13.64 28.89 7.57
CA LEU B 103 14.11 28.64 8.92
C LEU B 103 14.57 29.93 9.58
N LYS B 104 15.23 30.78 8.80
CA LYS B 104 15.68 32.08 9.28
C LYS B 104 14.49 32.95 9.69
N LYS B 105 13.53 33.09 8.77
CA LYS B 105 12.32 33.84 9.07
C LYS B 105 11.63 33.33 10.33
N ALA B 106 11.46 32.02 10.42
CA ALA B 106 10.77 31.40 11.54
C ALA B 106 11.63 31.38 12.79
N GLN B 107 12.94 31.59 12.60
CA GLN B 107 13.90 31.44 13.68
C GLN B 107 13.80 30.09 14.36
N LEU B 108 13.84 29.04 13.56
CA LEU B 108 13.89 27.67 14.05
C LEU B 108 15.09 27.01 13.41
N ASP B 109 15.64 25.99 14.05
CA ASP B 109 16.81 25.29 13.53
C ASP B 109 16.41 24.24 12.50
N TYR B 110 15.20 23.71 12.64
CA TYR B 110 14.72 22.69 11.72
C TYR B 110 13.21 22.79 11.56
N VAL B 111 12.68 22.25 10.46
CA VAL B 111 11.24 22.03 10.35
C VAL B 111 10.98 20.54 10.54
N ASP B 112 9.86 20.22 11.15
CA ASP B 112 9.48 18.83 11.32
C ASP B 112 9.07 18.25 9.97
N LEU B 113 8.55 19.10 9.11
CA LEU B 113 8.12 18.65 7.81
C LEU B 113 8.32 19.73 6.77
N TYR B 114 8.86 19.34 5.62
CA TYR B 114 9.05 20.29 4.51
C TYR B 114 8.41 19.69 3.27
N LEU B 115 7.50 20.42 2.64
CA LEU B 115 6.76 19.90 1.50
C LEU B 115 7.06 20.62 0.20
N ILE B 116 6.98 19.91 -0.91
CA ILE B 116 6.82 20.58 -2.19
C ILE B 116 5.38 21.06 -2.24
N HIS B 117 5.19 22.37 -2.21
CA HIS B 117 3.86 22.97 -2.07
C HIS B 117 2.96 22.58 -3.23
N SER B 118 3.53 22.49 -4.40
CA SER B 118 2.76 22.22 -5.60
C SER B 118 3.67 21.62 -6.68
N PRO B 119 3.10 20.77 -7.54
CA PRO B 119 3.85 20.16 -8.64
C PRO B 119 4.03 21.17 -9.76
N MET B 120 3.25 22.25 -9.71
CA MET B 120 3.21 23.21 -10.80
C MET B 120 4.31 24.27 -10.72
N SER B 121 5.47 23.95 -11.28
CA SER B 121 6.65 24.81 -11.21
C SER B 121 6.41 26.17 -11.85
N LEU B 122 7.06 27.20 -11.31
CA LEU B 122 6.93 28.55 -11.83
C LEU B 122 8.29 29.21 -12.04
N LYS B 123 8.31 30.25 -12.86
CA LYS B 123 9.55 30.96 -13.18
C LYS B 123 10.24 31.46 -11.91
N PRO B 124 11.54 31.13 -11.75
CA PRO B 124 12.28 31.58 -10.58
C PRO B 124 12.34 33.10 -10.53
N GLY B 125 12.49 33.66 -9.34
CA GLY B 125 12.54 35.10 -9.17
C GLY B 125 11.99 35.53 -7.82
N GLU B 126 11.72 36.82 -7.69
CA GLU B 126 11.29 37.37 -6.40
C GLU B 126 9.78 37.33 -6.20
N GLU B 127 9.02 37.29 -7.29
CA GLU B 127 7.57 37.27 -7.21
C GLU B 127 7.05 35.88 -6.87
N LEU B 128 5.96 35.83 -6.11
CA LEU B 128 5.28 34.58 -5.84
C LEU B 128 4.66 34.04 -7.11
N SER B 129 4.01 34.92 -7.86
CA SER B 129 3.34 34.55 -9.10
C SER B 129 3.85 35.38 -10.27
N PRO B 130 5.00 34.99 -10.84
CA PRO B 130 5.61 35.73 -11.95
C PRO B 130 4.66 35.79 -13.14
N THR B 131 4.48 36.98 -13.70
CA THR B 131 3.62 37.15 -14.86
C THR B 131 4.35 37.88 -16.00
N ASP B 132 3.97 37.54 -17.24
CA ASP B 132 4.55 38.20 -18.40
C ASP B 132 3.91 39.56 -18.62
N GLU B 133 4.24 40.20 -19.75
CA GLU B 133 3.75 41.55 -20.03
C GLU B 133 2.23 41.60 -20.18
N ASN B 134 1.60 40.44 -20.33
CA ASN B 134 0.15 40.35 -20.52
C ASN B 134 -0.58 40.04 -19.23
N GLY B 135 0.17 39.82 -18.15
CA GLY B 135 -0.43 39.45 -16.88
C GLY B 135 -0.65 37.96 -16.80
N LYS B 136 -0.02 37.22 -17.70
CA LYS B 136 -0.12 35.78 -17.73
C LYS B 136 0.99 35.16 -16.88
N VAL B 137 0.62 34.22 -16.01
CA VAL B 137 1.59 33.58 -15.13
C VAL B 137 2.60 32.78 -15.97
N ILE B 138 3.83 32.70 -15.49
CA ILE B 138 4.91 32.06 -16.25
C ILE B 138 5.36 30.73 -15.62
N PHE B 139 5.03 29.63 -16.29
CA PHE B 139 5.41 28.31 -15.81
C PHE B 139 6.89 28.02 -16.03
N ASP B 140 7.43 27.11 -15.23
CA ASP B 140 8.81 26.66 -15.39
C ASP B 140 8.76 25.14 -15.57
N ILE B 141 9.76 24.59 -16.24
CA ILE B 141 9.84 23.15 -16.44
C ILE B 141 10.96 22.57 -15.59
N VAL B 142 10.60 21.77 -14.60
CA VAL B 142 11.58 21.18 -13.70
C VAL B 142 11.28 19.70 -13.50
N ASP B 143 12.32 18.89 -13.52
CA ASP B 143 12.18 17.48 -13.20
C ASP B 143 11.99 17.35 -11.71
N LEU B 144 10.76 17.12 -11.28
CA LEU B 144 10.44 17.09 -9.86
C LEU B 144 11.26 16.04 -9.12
N CYS B 145 11.86 15.12 -9.86
CA CYS B 145 12.74 14.14 -9.24
C CYS B 145 14.06 14.77 -8.76
N THR B 146 14.52 15.80 -9.48
CA THR B 146 15.70 16.53 -9.05
C THR B 146 15.36 17.38 -7.83
N THR B 147 14.20 18.02 -7.87
CA THR B 147 13.70 18.74 -6.69
C THR B 147 13.65 17.80 -5.49
N TRP B 148 13.09 16.61 -5.69
CA TRP B 148 12.97 15.67 -4.59
C TRP B 148 14.34 15.31 -4.02
N GLU B 149 15.31 15.13 -4.90
CA GLU B 149 16.67 14.79 -4.48
C GLU B 149 17.24 15.86 -3.56
N ALA B 150 17.04 17.12 -3.96
CA ALA B 150 17.43 18.25 -3.11
C ALA B 150 16.73 18.18 -1.76
N MET B 151 15.44 17.84 -1.77
CA MET B 151 14.68 17.68 -0.53
C MET B 151 15.31 16.61 0.35
N GLU B 152 15.72 15.51 -0.28
CA GLU B 152 16.33 14.40 0.46
C GLU B 152 17.60 14.85 1.16
N LYS B 153 18.37 15.70 0.50
CA LYS B 153 19.61 16.19 1.09
C LYS B 153 19.31 17.07 2.30
N CYS B 154 18.22 17.85 2.22
CA CYS B 154 17.83 18.70 3.33
C CYS B 154 17.58 17.84 4.57
N LYS B 155 16.92 16.71 4.37
CA LYS B 155 16.66 15.79 5.46
C LYS B 155 17.95 15.20 6.00
N ASP B 156 18.87 14.86 5.09
CA ASP B 156 20.17 14.32 5.48
C ASP B 156 20.97 15.32 6.30
N ALA B 157 20.79 16.60 5.97
CA ALA B 157 21.48 17.67 6.69
C ALA B 157 20.80 18.02 8.01
N GLY B 158 19.59 17.52 8.21
CA GLY B 158 18.87 17.71 9.45
C GLY B 158 18.06 19.00 9.52
N LEU B 159 17.94 19.68 8.39
CA LEU B 159 17.16 20.90 8.32
C LEU B 159 15.66 20.59 8.32
N ALA B 160 15.31 19.39 7.85
CA ALA B 160 13.91 18.94 7.86
C ALA B 160 13.85 17.51 8.37
N LYS B 161 13.08 17.30 9.44
CA LYS B 161 12.98 15.96 10.02
C LYS B 161 12.32 15.01 9.01
N SER B 162 11.28 15.50 8.34
CA SER B 162 10.56 14.72 7.35
C SER B 162 10.32 15.56 6.12
N ILE B 163 10.19 14.90 4.97
CA ILE B 163 9.88 15.60 3.73
C ILE B 163 8.67 14.96 3.06
N GLY B 164 7.88 15.77 2.37
CA GLY B 164 6.71 15.26 1.68
C GLY B 164 6.30 16.14 0.52
N VAL B 165 5.10 15.92 0.01
CA VAL B 165 4.57 16.69 -1.10
C VAL B 165 3.16 17.20 -0.84
N SER B 166 2.68 18.05 -1.74
CA SER B 166 1.37 18.65 -1.61
C SER B 166 0.78 18.84 -3.00
N ASN B 167 -0.51 18.53 -3.13
CA ASN B 167 -1.22 18.71 -4.39
C ASN B 167 -0.74 17.81 -5.53
N PHE B 168 -0.10 16.71 -5.17
CA PHE B 168 0.30 15.68 -6.15
C PHE B 168 -0.84 14.70 -6.40
N ASN B 169 -0.94 14.21 -7.64
CA ASN B 169 -1.86 13.11 -7.94
C ASN B 169 -1.10 11.79 -7.97
N ARG B 170 -1.80 10.71 -8.27
CA ARG B 170 -1.21 9.38 -8.26
C ARG B 170 0.02 9.30 -9.15
N ARG B 171 -0.13 9.73 -10.40
CA ARG B 171 0.96 9.66 -11.37
C ARG B 171 2.20 10.39 -10.89
N GLN B 172 1.99 11.56 -10.30
CA GLN B 172 3.10 12.39 -9.84
C GLN B 172 3.77 11.77 -8.61
N LEU B 173 2.97 11.16 -7.75
CA LEU B 173 3.51 10.38 -6.64
C LEU B 173 4.37 9.27 -7.22
N GLU B 174 3.78 8.53 -8.16
CA GLU B 174 4.44 7.39 -8.81
C GLU B 174 5.81 7.77 -9.34
N MET B 175 5.87 8.90 -10.03
CA MET B 175 7.12 9.39 -10.58
C MET B 175 8.20 9.47 -9.51
N ILE B 176 7.84 9.94 -8.32
CA ILE B 176 8.79 10.03 -7.21
C ILE B 176 9.11 8.67 -6.64
N LEU B 177 8.06 7.89 -6.38
CA LEU B 177 8.18 6.59 -5.75
C LEU B 177 9.01 5.63 -6.60
N ASN B 178 8.89 5.77 -7.90
CA ASN B 178 9.60 4.90 -8.83
C ASN B 178 10.96 5.48 -9.24
N LYS B 179 11.38 6.53 -8.55
CA LYS B 179 12.63 7.20 -8.91
C LYS B 179 13.82 6.27 -8.67
N PRO B 180 14.74 6.21 -9.65
CA PRO B 180 15.97 5.43 -9.49
C PRO B 180 16.82 6.02 -8.39
N GLY B 181 17.23 5.18 -7.44
CA GLY B 181 18.07 5.63 -6.35
C GLY B 181 17.30 6.47 -5.35
N LEU B 182 15.96 6.41 -5.42
CA LEU B 182 15.13 7.07 -4.42
C LEU B 182 15.65 6.71 -3.04
N LYS B 183 15.86 7.71 -2.20
CA LYS B 183 16.35 7.45 -0.85
C LYS B 183 15.22 7.54 0.17
N TYR B 184 14.39 8.57 0.04
CA TYR B 184 13.26 8.77 0.95
C TYR B 184 11.93 8.93 0.21
N LYS B 185 10.96 8.11 0.55
CA LYS B 185 9.60 8.33 0.08
C LYS B 185 9.06 9.59 0.75
N PRO B 186 8.15 10.30 0.07
CA PRO B 186 7.41 11.37 0.74
C PRO B 186 6.68 10.74 1.91
N VAL B 187 6.58 11.46 3.03
CA VAL B 187 5.88 10.91 4.18
C VAL B 187 4.38 11.17 4.05
N CYS B 188 4.03 12.13 3.21
CA CYS B 188 2.64 12.55 3.11
C CYS B 188 2.35 13.24 1.78
N ASN B 189 1.06 13.33 1.46
CA ASN B 189 0.61 14.14 0.35
C ASN B 189 -0.51 15.05 0.86
N GLN B 190 -0.21 16.33 1.02
CA GLN B 190 -1.23 17.26 1.51
C GLN B 190 -2.11 17.75 0.37
N VAL B 191 -3.39 17.44 0.42
CA VAL B 191 -4.30 17.69 -0.69
C VAL B 191 -5.64 18.18 -0.19
N GLU B 192 -6.39 18.82 -1.09
CA GLU B 192 -7.74 19.24 -0.74
C GLU B 192 -8.59 18.01 -0.47
N CYS B 193 -9.21 17.97 0.70
CA CYS B 193 -9.98 16.80 1.09
C CYS B 193 -11.09 17.15 2.09
N HIS B 194 -12.32 16.78 1.73
CA HIS B 194 -13.50 17.07 2.52
C HIS B 194 -14.65 16.21 2.02
N PRO B 195 -15.82 16.27 2.72
CA PRO B 195 -16.94 15.41 2.32
C PRO B 195 -17.43 15.57 0.88
N TYR B 196 -17.11 16.68 0.22
CA TYR B 196 -17.57 16.90 -1.14
C TYR B 196 -16.52 16.47 -2.16
N PHE B 197 -15.31 16.18 -1.67
CA PHE B 197 -14.20 15.78 -2.51
C PHE B 197 -13.30 14.92 -1.62
N ASN B 198 -13.75 13.71 -1.32
CA ASN B 198 -13.13 12.95 -0.24
C ASN B 198 -11.87 12.16 -0.59
N ARG B 199 -11.49 12.18 -1.86
CA ARG B 199 -10.24 11.56 -2.34
C ARG B 199 -10.09 10.07 -1.96
N SER B 200 -11.21 9.37 -1.87
CA SER B 200 -11.18 7.96 -1.46
C SER B 200 -10.15 7.15 -2.25
N LYS B 201 -10.09 7.34 -3.56
CA LYS B 201 -9.16 6.57 -4.37
C LYS B 201 -7.71 6.95 -4.09
N LEU B 202 -7.41 8.24 -4.03
CA LEU B 202 -6.05 8.69 -3.74
C LEU B 202 -5.62 8.30 -2.32
N LEU B 203 -6.58 8.32 -1.40
CA LEU B 203 -6.33 7.85 -0.05
C LEU B 203 -5.88 6.40 -0.07
N ASP B 204 -6.67 5.54 -0.71
CA ASP B 204 -6.28 4.14 -0.80
C ASP B 204 -4.90 3.96 -1.43
N PHE B 205 -4.60 4.75 -2.46
CA PHE B 205 -3.29 4.67 -3.08
C PHE B 205 -2.22 5.06 -2.06
N CYS B 206 -2.44 6.17 -1.38
CA CYS B 206 -1.49 6.63 -0.40
C CYS B 206 -1.28 5.56 0.67
N LYS B 207 -2.36 5.03 1.22
CA LYS B 207 -2.25 3.99 2.23
C LYS B 207 -1.42 2.82 1.72
N SER B 208 -1.67 2.42 0.48
CA SER B 208 -0.93 1.30 -0.11
C SER B 208 0.56 1.58 -0.21
N LYS B 209 0.94 2.85 -0.17
CA LYS B 209 2.35 3.23 -0.35
C LYS B 209 2.99 3.73 0.95
N ASP B 210 2.28 3.57 2.06
CA ASP B 210 2.77 4.03 3.36
C ASP B 210 2.94 5.56 3.35
N ILE B 211 2.05 6.24 2.63
CA ILE B 211 2.05 7.70 2.60
C ILE B 211 0.81 8.26 3.28
N VAL B 212 0.98 9.29 4.10
CA VAL B 212 -0.17 9.87 4.80
C VAL B 212 -0.87 10.89 3.93
N LEU B 213 -2.20 10.81 3.85
CA LEU B 213 -2.96 11.89 3.23
C LEU B 213 -3.27 12.96 4.28
N VAL B 214 -2.89 14.20 3.99
CA VAL B 214 -3.20 15.33 4.86
C VAL B 214 -4.22 16.24 4.18
N ALA B 215 -5.35 16.47 4.85
CA ALA B 215 -6.45 17.18 4.25
C ALA B 215 -6.43 18.67 4.55
N TYR B 216 -6.45 19.48 3.49
CA TYR B 216 -6.71 20.90 3.65
C TYR B 216 -8.07 21.24 3.08
N SER B 217 -8.57 22.42 3.43
CA SER B 217 -9.94 22.83 3.10
C SER B 217 -10.94 21.80 3.65
N ALA B 218 -10.58 21.18 4.77
CA ALA B 218 -11.45 20.18 5.37
C ALA B 218 -12.77 20.78 5.85
N LEU B 219 -12.81 22.10 5.99
CA LEU B 219 -14.02 22.79 6.43
C LEU B 219 -14.72 23.50 5.29
N GLY B 220 -14.27 23.23 4.06
CA GLY B 220 -14.91 23.80 2.89
C GLY B 220 -14.16 24.99 2.30
N SER B 221 -12.97 25.26 2.81
CA SER B 221 -12.12 26.36 2.32
C SER B 221 -12.56 27.71 2.84
N GLN B 222 -11.70 28.70 2.71
CA GLN B 222 -12.03 30.07 3.09
C GLN B 222 -12.85 30.75 2.00
N ARG B 223 -13.23 29.99 0.98
CA ARG B 223 -14.06 30.51 -0.10
C ARG B 223 -13.55 31.86 -0.62
N ASP B 224 -12.25 31.93 -0.89
CA ASP B 224 -11.62 33.14 -1.39
C ASP B 224 -12.07 33.39 -2.83
N LYS B 225 -12.62 34.58 -3.09
CA LYS B 225 -13.16 34.89 -4.41
C LYS B 225 -12.09 34.85 -5.53
N ARG B 226 -10.82 34.78 -5.14
CA ARG B 226 -9.75 34.68 -6.12
C ARG B 226 -9.72 33.30 -6.80
N TRP B 227 -10.24 32.28 -6.13
CA TRP B 227 -10.24 30.94 -6.70
C TRP B 227 -11.55 30.17 -6.53
N VAL B 228 -12.32 30.53 -5.52
CA VAL B 228 -13.53 29.75 -5.21
C VAL B 228 -14.80 30.36 -5.81
N ASP B 229 -15.52 29.52 -6.55
CA ASP B 229 -16.81 29.91 -7.13
C ASP B 229 -17.80 30.24 -6.02
N PRO B 230 -18.26 31.50 -5.97
CA PRO B 230 -19.21 31.94 -4.94
C PRO B 230 -20.49 31.11 -4.93
N ASN B 231 -20.80 30.47 -6.05
CA ASN B 231 -22.03 29.68 -6.16
C ASN B 231 -21.87 28.25 -5.65
N SER B 232 -20.63 27.86 -5.37
CA SER B 232 -20.37 26.49 -4.91
C SER B 232 -21.12 26.23 -3.61
N PRO B 233 -21.47 24.97 -3.35
CA PRO B 233 -22.18 24.64 -2.11
C PRO B 233 -21.31 24.97 -0.91
N VAL B 234 -21.89 25.54 0.13
CA VAL B 234 -21.15 25.83 1.36
C VAL B 234 -21.04 24.55 2.17
N LEU B 235 -19.84 24.01 2.32
CA LEU B 235 -19.71 22.69 2.94
C LEU B 235 -20.41 22.61 4.28
N LEU B 236 -20.22 23.61 5.13
CA LEU B 236 -20.73 23.56 6.50
C LEU B 236 -22.24 23.81 6.60
N GLU B 237 -22.90 24.00 5.47
CA GLU B 237 -24.36 24.14 5.47
C GLU B 237 -25.02 22.86 4.94
N ASP B 238 -24.22 21.82 4.75
CA ASP B 238 -24.75 20.56 4.25
C ASP B 238 -25.75 19.97 5.23
N PRO B 239 -26.90 19.52 4.71
CA PRO B 239 -27.99 18.98 5.53
C PRO B 239 -27.57 17.74 6.33
N VAL B 240 -26.77 16.87 5.73
CA VAL B 240 -26.32 15.67 6.43
C VAL B 240 -25.39 16.05 7.57
N LEU B 241 -24.40 16.90 7.28
CA LEU B 241 -23.47 17.37 8.31
C LEU B 241 -24.23 18.02 9.48
N CYS B 242 -25.23 18.83 9.14
CA CYS B 242 -25.99 19.54 10.16
C CYS B 242 -26.80 18.60 11.03
N ALA B 243 -27.34 17.54 10.43
CA ALA B 243 -28.10 16.54 11.18
C ALA B 243 -27.19 15.71 12.08
N LEU B 244 -25.98 15.41 11.60
CA LEU B 244 -25.00 14.71 12.42
C LEU B 244 -24.55 15.59 13.57
N ALA B 245 -24.39 16.89 13.28
CA ALA B 245 -23.99 17.86 14.28
C ALA B 245 -25.01 17.92 15.42
N LYS B 246 -26.27 18.13 15.06
CA LYS B 246 -27.35 18.14 16.05
C LYS B 246 -27.41 16.81 16.80
N LYS B 247 -27.25 15.72 16.06
CA LYS B 247 -27.29 14.38 16.66
C LYS B 247 -26.24 14.22 17.76
N HIS B 248 -25.00 14.61 17.45
CA HIS B 248 -23.89 14.42 18.39
C HIS B 248 -23.73 15.57 19.35
N LYS B 249 -24.56 16.61 19.19
CA LYS B 249 -24.41 17.82 19.98
C LYS B 249 -23.04 18.44 19.76
N ARG B 250 -22.60 18.43 18.50
CA ARG B 250 -21.39 19.11 18.08
C ARG B 250 -21.76 20.13 17.00
N THR B 251 -20.79 20.52 16.19
CA THR B 251 -21.04 21.45 15.09
C THR B 251 -20.66 20.79 13.76
N PRO B 252 -21.19 21.33 12.65
CA PRO B 252 -20.84 20.77 11.34
C PRO B 252 -19.33 20.69 11.13
N ALA B 253 -18.61 21.74 11.54
CA ALA B 253 -17.16 21.79 11.37
C ALA B 253 -16.51 20.61 12.09
N LEU B 254 -16.91 20.40 13.35
CA LEU B 254 -16.42 19.26 14.13
C LEU B 254 -16.74 17.90 13.49
N ILE B 255 -17.91 17.78 12.86
CA ILE B 255 -18.27 16.55 12.18
C ILE B 255 -17.31 16.32 11.02
N ALA B 256 -17.04 17.39 10.28
CA ALA B 256 -16.15 17.34 9.11
C ALA B 256 -14.71 16.97 9.52
N LEU B 257 -14.25 17.52 10.64
CA LEU B 257 -12.93 17.18 11.15
C LEU B 257 -12.86 15.73 11.62
N ARG B 258 -13.86 15.30 12.39
CA ARG B 258 -13.85 13.94 12.92
C ARG B 258 -13.93 12.90 11.81
N TYR B 259 -14.71 13.21 10.78
CA TYR B 259 -14.79 12.34 9.60
C TYR B 259 -13.39 11.95 9.12
N GLN B 260 -12.52 12.94 8.96
CA GLN B 260 -11.18 12.68 8.43
C GLN B 260 -10.37 11.81 9.37
N LEU B 261 -10.42 12.11 10.67
CA LEU B 261 -9.63 11.34 11.63
C LEU B 261 -9.98 9.85 11.63
N GLN B 262 -11.27 9.55 11.50
CA GLN B 262 -11.73 8.16 11.58
C GLN B 262 -11.49 7.38 10.29
N ARG B 263 -11.16 8.09 9.21
CA ARG B 263 -10.83 7.42 7.94
C ARG B 263 -9.32 7.44 7.68
N GLY B 264 -8.54 7.73 8.72
CA GLY B 264 -7.09 7.62 8.64
C GLY B 264 -6.42 8.79 7.94
N VAL B 265 -7.10 9.92 7.90
CA VAL B 265 -6.58 11.12 7.28
C VAL B 265 -6.16 12.13 8.36
N VAL B 266 -5.00 12.75 8.20
CA VAL B 266 -4.57 13.82 9.09
C VAL B 266 -5.20 15.10 8.59
N VAL B 267 -5.81 15.85 9.50
CA VAL B 267 -6.67 16.95 9.06
C VAL B 267 -6.19 18.33 9.54
N LEU B 268 -6.21 19.29 8.62
CA LEU B 268 -5.91 20.68 8.95
C LEU B 268 -7.18 21.47 9.22
N ALA B 269 -7.07 22.49 10.07
CA ALA B 269 -8.19 23.40 10.35
C ALA B 269 -7.69 24.82 10.54
N LYS B 270 -8.03 25.70 9.60
CA LYS B 270 -7.67 27.11 9.76
C LYS B 270 -8.78 27.88 10.44
N SER B 271 -8.45 28.63 11.47
CA SER B 271 -9.36 29.62 12.04
C SER B 271 -8.56 30.74 12.69
N TYR B 272 -8.93 31.98 12.39
CA TYR B 272 -8.32 33.13 13.03
C TYR B 272 -9.31 33.70 14.04
N ASN B 273 -10.23 32.84 14.49
CA ASN B 273 -11.21 33.23 15.49
C ASN B 273 -11.03 32.45 16.77
N GLU B 274 -10.81 33.15 17.89
CA GLU B 274 -10.45 32.48 19.13
C GLU B 274 -11.47 31.45 19.58
N GLN B 275 -12.75 31.74 19.38
CA GLN B 275 -13.78 30.80 19.81
C GLN B 275 -13.74 29.54 18.96
N ARG B 276 -13.60 29.69 17.66
CA ARG B 276 -13.58 28.55 16.75
C ARG B 276 -12.30 27.72 16.88
N ILE B 277 -11.19 28.40 17.10
CA ILE B 277 -9.95 27.73 17.48
C ILE B 277 -10.20 26.83 18.70
N ARG B 278 -10.82 27.40 19.74
CA ARG B 278 -11.12 26.66 20.97
C ARG B 278 -12.07 25.48 20.73
N GLN B 279 -13.02 25.68 19.84
CA GLN B 279 -13.98 24.64 19.52
C GLN B 279 -13.32 23.46 18.80
N ASN B 280 -12.46 23.77 17.82
CA ASN B 280 -11.96 22.74 16.92
C ASN B 280 -11.17 21.62 17.59
N VAL B 281 -10.54 21.91 18.72
CA VAL B 281 -9.77 20.87 19.41
C VAL B 281 -10.70 19.84 20.05
N GLN B 282 -11.99 20.15 20.07
CA GLN B 282 -12.98 19.24 20.65
C GLN B 282 -13.24 18.05 19.72
N VAL B 283 -12.55 18.03 18.59
CA VAL B 283 -12.67 16.91 17.66
C VAL B 283 -12.32 15.59 18.33
N PHE B 284 -11.51 15.64 19.39
CA PHE B 284 -11.06 14.42 20.05
C PHE B 284 -12.02 13.92 21.12
N GLU B 285 -13.07 14.69 21.40
CA GLU B 285 -14.00 14.39 22.50
C GLU B 285 -15.19 13.51 22.13
N PHE B 286 -15.27 13.08 20.86
CA PHE B 286 -16.40 12.26 20.45
C PHE B 286 -16.04 11.38 19.26
N GLN B 287 -16.96 10.51 18.87
CA GLN B 287 -16.74 9.71 17.68
C GLN B 287 -18.01 9.51 16.87
N LEU B 288 -17.82 9.34 15.57
CA LEU B 288 -18.91 9.07 14.65
C LEU B 288 -19.11 7.58 14.57
N THR B 289 -20.33 7.15 14.28
CA THR B 289 -20.60 5.73 14.08
C THR B 289 -20.21 5.31 12.67
N ALA B 290 -20.08 4.00 12.45
CA ALA B 290 -19.84 3.46 11.12
C ALA B 290 -20.91 3.96 10.16
N GLU B 291 -22.14 4.03 10.65
CA GLU B 291 -23.26 4.51 9.85
CA GLU B 291 -23.24 4.51 9.84
C GLU B 291 -23.12 6.01 9.56
N ASP B 292 -22.64 6.76 10.55
CA ASP B 292 -22.38 8.18 10.36
C ASP B 292 -21.35 8.36 9.25
N MET B 293 -20.29 7.56 9.31
CA MET B 293 -19.19 7.67 8.36
C MET B 293 -19.68 7.36 6.96
N LYS B 294 -20.48 6.31 6.84
CA LYS B 294 -21.07 5.98 5.54
C LYS B 294 -21.95 7.11 5.04
N ALA B 295 -22.67 7.76 5.96
CA ALA B 295 -23.49 8.90 5.58
C ALA B 295 -22.61 10.01 5.00
N ILE B 296 -21.53 10.33 5.70
CA ILE B 296 -20.61 11.35 5.21
C ILE B 296 -19.96 10.95 3.88
N ASP B 297 -19.53 9.70 3.77
CA ASP B 297 -18.98 9.18 2.52
C ASP B 297 -19.91 9.49 1.35
N GLY B 298 -21.21 9.49 1.61
CA GLY B 298 -22.21 9.63 0.57
C GLY B 298 -22.30 11.02 -0.02
N LEU B 299 -21.57 11.96 0.56
CA LEU B 299 -21.65 13.36 0.15
C LEU B 299 -20.70 13.64 -1.01
N ASP B 300 -19.74 12.76 -1.21
CA ASP B 300 -18.67 12.95 -2.20
C ASP B 300 -19.27 13.37 -3.54
N ARG B 301 -18.78 14.46 -4.11
CA ARG B 301 -19.32 14.93 -5.38
C ARG B 301 -18.25 15.54 -6.26
N ASN B 302 -17.01 15.09 -6.07
CA ASN B 302 -15.88 15.53 -6.86
C ASN B 302 -15.75 17.04 -6.98
N LEU B 303 -16.02 17.74 -5.88
CA LEU B 303 -15.95 19.20 -5.90
C LEU B 303 -14.67 19.70 -5.24
N HIS B 304 -13.75 20.23 -6.04
CA HIS B 304 -12.65 20.99 -5.45
C HIS B 304 -12.95 22.48 -5.53
N TYR B 305 -12.85 23.15 -4.40
CA TYR B 305 -13.19 24.56 -4.29
C TYR B 305 -12.20 25.46 -5.03
N PHE B 306 -10.94 25.05 -5.09
CA PHE B 306 -9.93 25.82 -5.79
C PHE B 306 -9.97 25.52 -7.28
N ASN B 307 -10.25 26.54 -8.09
CA ASN B 307 -10.18 26.42 -9.54
C ASN B 307 -9.31 27.51 -10.14
N SER B 308 -8.68 27.21 -11.27
CA SER B 308 -7.87 28.20 -11.99
C SER B 308 -7.74 27.83 -13.46
N ASP B 309 -8.47 28.52 -14.32
CA ASP B 309 -8.38 28.33 -15.76
C ASP B 309 -6.92 28.33 -16.21
N SER B 310 -6.16 29.30 -15.69
CA SER B 310 -4.78 29.50 -16.09
C SER B 310 -3.92 28.27 -15.84
N PHE B 311 -3.98 27.76 -14.61
CA PHE B 311 -3.14 26.63 -14.24
C PHE B 311 -3.70 25.30 -14.72
N ALA B 312 -4.93 25.35 -15.22
CA ALA B 312 -5.55 24.17 -15.80
C ALA B 312 -4.70 23.60 -16.92
N SER B 313 -3.84 24.43 -17.52
CA SER B 313 -3.04 24.00 -18.67
C SER B 313 -1.56 23.75 -18.33
N HIS B 314 -1.20 23.92 -17.07
CA HIS B 314 0.16 23.61 -16.63
C HIS B 314 0.40 22.12 -16.82
N PRO B 315 1.55 21.75 -17.41
CA PRO B 315 1.85 20.34 -17.66
C PRO B 315 1.67 19.48 -16.41
N ASN B 316 1.90 20.05 -15.24
CA ASN B 316 1.78 19.31 -13.99
C ASN B 316 0.49 19.59 -13.23
N TYR B 317 -0.55 20.00 -13.95
CA TYR B 317 -1.84 20.23 -13.34
C TYR B 317 -2.38 18.93 -12.74
N PRO B 318 -2.61 18.91 -11.43
CA PRO B 318 -2.94 17.67 -10.72
C PRO B 318 -4.35 17.15 -10.98
N TYR B 319 -5.25 18.01 -11.44
CA TYR B 319 -6.67 17.63 -11.49
C TYR B 319 -7.17 17.17 -12.85
N SER B 320 -6.27 16.70 -13.71
CA SER B 320 -6.68 16.18 -15.02
C SER B 320 -7.07 14.70 -14.94
N ASP B 321 -6.38 13.94 -14.09
CA ASP B 321 -6.51 12.49 -14.04
C ASP B 321 -7.63 12.02 -13.09
N GLU B 322 -8.03 10.76 -13.25
CA GLU B 322 -9.04 10.14 -12.38
C GLU B 322 -8.74 10.45 -10.92
N TYR B 323 -7.48 10.28 -10.54
CA TYR B 323 -7.01 10.61 -9.20
C TYR B 323 -5.49 10.49 -9.20
PA NAP C . -8.39 -20.13 -2.65
O1A NAP C . -8.76 -21.38 -3.35
O2A NAP C . -7.37 -20.45 -1.45
O5B NAP C . -9.65 -19.42 -1.94
C5B NAP C . -10.68 -19.18 -2.92
C4B NAP C . -11.78 -18.36 -2.25
O4B NAP C . -12.14 -18.99 -1.03
C3B NAP C . -11.26 -16.98 -1.85
O3B NAP C . -11.51 -16.04 -2.90
C2B NAP C . -12.01 -16.65 -0.52
O2B NAP C . -12.99 -15.61 -0.69
C1B NAP C . -12.74 -17.99 -0.19
N9A NAP C . -12.59 -18.42 1.20
C8A NAP C . -11.45 -18.39 1.95
N7A NAP C . -11.70 -18.89 3.13
C5A NAP C . -13.00 -19.28 3.19
C6A NAP C . -13.82 -19.88 4.16
N6A NAP C . -13.32 -20.20 5.42
N1A NAP C . -15.09 -20.12 3.85
C2A NAP C . -15.59 -19.83 2.67
N3A NAP C . -14.86 -19.27 1.72
C4A NAP C . -13.58 -18.98 1.95
O3 NAP C . -7.83 -18.98 -3.63
PN NAP C . -6.55 -19.18 -4.61
O1N NAP C . -6.15 -17.73 -4.94
O2N NAP C . -6.91 -19.84 -5.96
O5D NAP C . -5.32 -20.01 -3.97
C5D NAP C . -4.87 -19.33 -2.80
C4D NAP C . -3.45 -18.74 -2.99
O4D NAP C . -2.59 -19.70 -3.65
C3D NAP C . -3.45 -17.51 -3.92
O3D NAP C . -3.82 -16.32 -3.23
C2D NAP C . -1.97 -17.49 -4.34
O2D NAP C . -1.21 -16.92 -3.27
C1D NAP C . -1.66 -19.00 -4.52
N1N NAP C . -1.84 -19.42 -5.92
C2N NAP C . -0.78 -19.74 -6.64
C3N NAP C . -0.91 -20.11 -7.97
C7N NAP C . 0.28 -20.47 -8.76
O7N NAP C . 0.22 -20.46 -9.97
N7N NAP C . 1.43 -20.78 -8.13
C4N NAP C . -2.19 -20.13 -8.55
C5N NAP C . -3.27 -19.79 -7.75
C6N NAP C . -3.05 -19.44 -6.43
P2B NAP C . -12.78 -14.38 0.35
O1X NAP C . -11.55 -13.62 0.01
O2X NAP C . -14.06 -13.43 0.18
O3X NAP C . -12.70 -14.91 1.87
C01 0HV D . -3.33 -15.89 -10.30
C02 0HV D . -4.04 -15.84 -11.44
C03 0HV D . -3.85 -16.76 -12.41
C04 0HV D . -2.94 -17.76 -12.30
C05 0HV D . -2.24 -17.78 -11.14
C06 0HV D . -2.41 -16.88 -10.14
N07 0HV D . -2.94 -18.58 -13.30
C08 0HV D . -2.59 -19.78 -13.63
C09 0HV D . -1.68 -20.48 -12.94
C10 0HV D . -1.27 -21.72 -13.29
C11 0HV D . -1.75 -22.36 -14.39
C12 0HV D . -2.67 -21.67 -15.11
C13 0HV D . -3.08 -20.41 -14.75
C14 0HV D . -3.22 -22.21 -16.22
C15 0HV D . -4.13 -21.60 -16.99
C16 0HV D . -4.53 -20.37 -16.63
C17 0HV D . -4.01 -19.81 -15.54
C18 0HV D . -1.72 -16.97 -8.96
O19 0HV D . -2.28 -16.72 -7.91
O20 0HV D . -0.43 -17.39 -8.89
N21 0HV D . -1.24 -23.49 -14.64
O22 0HV D . -0.99 -24.02 -15.81
O23 0HV D . -0.84 -24.36 -13.74
C01 0HV E . -2.26 -11.54 -14.20
C02 0HV E . -2.47 -12.69 -13.55
C03 0HV E . -2.28 -13.87 -14.18
C04 0HV E . -1.86 -13.94 -15.46
C05 0HV E . -1.64 -12.75 -16.06
C06 0HV E . -1.83 -11.55 -15.48
N07 0HV E . -1.70 -15.15 -15.89
C08 0HV E . -1.10 -16.25 -15.60
C09 0HV E . -0.31 -16.37 -14.52
C10 0HV E . 0.35 -17.50 -14.21
C11 0HV E . 0.29 -18.62 -14.98
C12 0HV E . -0.49 -18.52 -16.09
C13 0HV E . -1.18 -17.38 -16.40
C14 0HV E . -0.62 -19.59 -16.93
C15 0HV E . -1.37 -19.58 -18.03
C16 0HV E . -2.03 -18.46 -18.34
C17 0HV E . -1.93 -17.39 -17.52
C18 0HV E . -1.57 -10.37 -16.13
O19 0HV E . -1.06 -10.36 -17.24
O20 0HV E . -1.83 -9.15 -15.56
N21 0HV E . 1.01 -19.57 -14.58
O22 0HV E . 1.37 -20.67 -15.22
O23 0HV E . 1.60 -19.60 -13.40
PA NAP F . -10.37 25.54 6.25
O1A NAP F . -11.14 24.77 5.27
O2A NAP F . -9.56 24.60 7.26
O5B NAP F . -11.38 26.43 7.12
C5B NAP F . -12.11 27.31 6.25
C4B NAP F . -12.86 28.30 7.13
O4B NAP F . -13.52 27.58 8.17
C3B NAP F . -11.89 29.23 7.87
O3B NAP F . -11.75 30.45 7.15
C2B NAP F . -12.55 29.49 9.25
O2B NAP F . -13.02 30.84 9.27
C1B NAP F . -13.75 28.50 9.27
N9A NAP F . -13.85 27.74 10.52
C8A NAP F . -12.83 27.19 11.23
N7A NAP F . -13.30 26.57 12.29
C5A NAP F . -14.66 26.67 12.30
C6A NAP F . -15.67 26.22 13.17
N6A NAP F . -15.36 25.51 14.31
N1A NAP F . -16.93 26.52 12.87
C2A NAP F . -17.23 27.21 11.79
N3A NAP F . -16.31 27.66 10.95
C4A NAP F . -15.02 27.42 11.16
O3 NAP F . -9.40 26.63 5.56
PN NAP F . -8.27 26.21 4.48
O1N NAP F . -7.38 27.46 4.40
O2N NAP F . -8.90 26.01 3.09
O5D NAP F . -7.37 24.93 4.90
C5D NAP F . -6.71 25.19 6.14
C4D NAP F . -5.19 25.16 5.98
O4D NAP F . -4.75 24.14 5.05
C3D NAP F . -4.70 26.46 5.33
O3D NAP F . -4.72 27.50 6.30
C2D NAP F . -3.28 26.01 4.95
O2D NAP F . -2.45 25.89 6.10
C1D NAP F . -3.55 24.62 4.38
N1N NAP F . -3.78 24.67 2.93
C2N NAP F . -2.84 24.19 2.13
C3N NAP F . -3.04 24.19 0.74
C7N NAP F . -1.99 23.63 -0.13
O7N NAP F . -1.97 23.91 -1.31
N7N NAP F . -1.06 22.84 0.41
C4N NAP F . -4.24 24.70 0.22
C5N NAP F . -5.19 25.19 1.11
C6N NAP F . -4.92 25.14 2.47
P2B NAP F . -12.49 31.70 10.54
O1X NAP F . -11.02 31.93 10.47
O2X NAP F . -13.22 33.12 10.46
O3X NAP F . -12.83 30.93 11.91
C01 0HV G . -3.64 29.43 -0.36
C02 0HV G . -4.17 30.05 -1.42
C03 0HV G . -4.35 29.38 -2.57
C04 0HV G . -4.02 28.08 -2.71
C05 0HV G . -3.49 27.49 -1.62
C06 0HV G . -3.28 28.14 -0.44
N07 0HV G . -4.29 27.60 -3.89
C08 0HV G . -4.33 26.51 -4.57
C09 0HV G . -3.74 25.38 -4.16
C10 0HV G . -3.78 24.23 -4.86
C11 0HV G . -4.42 24.11 -6.04
C12 0HV G . -5.03 25.24 -6.49
C13 0HV G . -4.99 26.41 -5.77
C14 0HV G . -5.70 25.25 -7.66
C15 0HV G . -6.32 26.32 -8.17
C16 0HV G . -6.28 27.45 -7.47
C17 0HV G . -5.63 27.49 -6.31
C18 0HV G . -2.78 27.50 0.66
O19 0HV G . -1.72 26.65 0.59
O20 0HV G . -3.29 27.66 1.75
N21 0HV G . -4.35 22.97 -6.58
O22 0HV G . -4.58 22.63 -7.84
O23 0HV G . -4.00 21.88 -5.93
C01 0HV H . -0.91 33.90 -2.94
C02 0HV H . -1.61 32.81 -2.59
C03 0HV H . -1.93 31.87 -3.51
C04 0HV H . -1.56 31.98 -4.80
C05 0HV H . -0.85 33.09 -5.11
C06 0HV H . -0.51 34.05 -4.22
N07 0HV H . -1.92 30.99 -5.53
C08 0HV H . -1.72 29.72 -5.59
C09 0HV H . -1.06 29.08 -4.62
C10 0HV H . -0.79 27.78 -4.66
C11 0HV H . -1.14 26.99 -5.69
C12 0HV H . -1.82 27.61 -6.70
C13 0HV H . -2.10 28.95 -6.66
C14 0HV H . -2.23 26.91 -7.80
C15 0HV H . -2.89 27.45 -8.82
C16 0HV H . -3.17 28.76 -8.77
C17 0HV H . -2.78 29.47 -7.72
C18 0HV H . 0.23 35.15 -4.57
O19 0HV H . 0.75 35.34 -5.81
O20 0HV H . 0.44 36.02 -3.76
N21 0HV H . -0.78 25.79 -5.58
O22 0HV H . -0.60 25.08 -4.49
O23 0HV H . -0.47 25.02 -6.61
#